data_6U1C
#
_entry.id   6U1C
#
_cell.length_a   55.866
_cell.length_b   68.688
_cell.length_c   91.789
_cell.angle_alpha   68.310
_cell.angle_beta   79.710
_cell.angle_gamma   65.990
#
_symmetry.space_group_name_H-M   'P 1'
#
loop_
_entity.id
_entity.type
_entity.pdbx_description
1 polymer 'D-alanine--D-alanine ligase'
2 water water
#
_entity_poly.entity_id   1
_entity_poly.type   'polypeptide(L)'
_entity_poly.pdbx_seq_one_letter_code
;MEMRVLLIAGGVSPEHEVSLLSAEGVLRHIPFPTDLAVIAQDGRWLLGEKALTALEAKAAPEGEHPFPPPLSWERYDVVF
PLLHGRFGEDGTVQGFLELLGKPYVGAGVAASALCMDKDLSKRVLAQAGVPVVPWVAVRKGEPPVVPFDPPFFVKPANTG
SSVGISRVERFQDLEAALALAFRYDEKAVVEKALSPVRELEVGVLGNVFGEASPVGEVRYEAPFYDYETKYTPGRAELLI
PAPLDPGTQETVQELALKAYKVLGVRGMARVDFFLAEGELYLNELNTIPGFTPTSMYPRLFEAGGVAYPELLRRLVELAL
THHHHHH
;
_entity_poly.pdbx_strand_id   A,B,C,D
#
# COMPACT_ATOMS: atom_id res chain seq x y z
N GLU A 2 -32.04 27.41 -33.81
CA GLU A 2 -31.66 26.06 -34.21
C GLU A 2 -30.75 25.40 -33.18
N MET A 3 -31.02 25.67 -31.91
CA MET A 3 -30.22 25.14 -30.81
C MET A 3 -30.80 23.82 -30.30
N ARG A 4 -29.93 22.88 -29.99
CA ARG A 4 -30.34 21.58 -29.45
C ARG A 4 -29.33 21.15 -28.39
N VAL A 5 -29.86 20.59 -27.31
CA VAL A 5 -29.06 20.21 -26.14
C VAL A 5 -29.06 18.69 -26.02
N LEU A 6 -27.91 18.13 -25.64
CA LEU A 6 -27.80 16.73 -25.26
C LEU A 6 -27.70 16.63 -23.74
N LEU A 7 -28.69 16.01 -23.13
CA LEU A 7 -28.72 15.80 -21.68
C LEU A 7 -28.26 14.38 -21.38
N ILE A 8 -27.15 14.25 -20.64
CA ILE A 8 -26.61 12.97 -20.22
C ILE A 8 -26.93 12.78 -18.74
N ALA A 9 -27.48 11.63 -18.40
CA ALA A 9 -27.90 11.35 -17.03
C ALA A 9 -27.71 9.87 -16.74
N GLY A 10 -28.01 9.48 -15.51
CA GLY A 10 -27.78 8.10 -15.07
C GLY A 10 -26.41 7.95 -14.40
N GLY A 11 -25.49 7.26 -15.07
CA GLY A 11 -24.13 7.16 -14.60
C GLY A 11 -23.85 5.89 -13.83
N VAL A 12 -22.57 5.55 -13.76
CA VAL A 12 -22.13 4.36 -13.02
C VAL A 12 -22.06 4.61 -11.51
N SER A 13 -22.03 5.88 -11.09
CA SER A 13 -21.86 6.21 -9.68
C SER A 13 -23.04 5.70 -8.86
N PRO A 14 -22.86 5.60 -7.53
CA PRO A 14 -23.99 5.19 -6.67
C PRO A 14 -25.17 6.16 -6.69
N GLU A 15 -25.04 7.35 -7.28
CA GLU A 15 -26.13 8.30 -7.38
C GLU A 15 -26.91 8.16 -8.69
N HIS A 16 -26.85 6.98 -9.32
CA HIS A 16 -27.45 6.78 -10.64
C HIS A 16 -28.92 7.16 -10.65
N GLU A 17 -29.67 6.70 -9.65
CA GLU A 17 -31.11 6.97 -9.62
C GLU A 17 -31.40 8.44 -9.38
N VAL A 18 -30.55 9.13 -8.60
CA VAL A 18 -30.74 10.56 -8.38
C VAL A 18 -30.55 11.32 -9.69
N SER A 19 -29.57 10.91 -10.50
CA SER A 19 -29.34 11.56 -11.78
C SER A 19 -30.55 11.47 -12.69
N LEU A 20 -31.16 10.29 -12.78
CA LEU A 20 -32.36 10.14 -13.60
C LEU A 20 -33.51 10.97 -13.05
N LEU A 21 -33.64 11.04 -11.72
CA LEU A 21 -34.68 11.86 -11.13
C LEU A 21 -34.49 13.33 -11.46
N SER A 22 -33.24 13.77 -11.60
CA SER A 22 -32.99 15.16 -12.01
C SER A 22 -33.19 15.36 -13.49
N ALA A 23 -32.97 14.33 -14.30
CA ALA A 23 -33.16 14.44 -15.75
C ALA A 23 -34.63 14.69 -16.08
N GLU A 24 -35.53 13.95 -15.43
CA GLU A 24 -36.96 14.16 -15.63
C GLU A 24 -37.36 15.59 -15.29
N GLY A 25 -36.84 16.12 -14.17
CA GLY A 25 -37.15 17.49 -13.81
C GLY A 25 -36.61 18.50 -14.81
N VAL A 26 -35.37 18.29 -15.27
CA VAL A 26 -34.79 19.19 -16.25
C VAL A 26 -35.50 19.05 -17.60
N LEU A 27 -35.80 17.81 -18.02
CA LEU A 27 -36.45 17.62 -19.31
C LEU A 27 -37.81 18.29 -19.36
N ARG A 28 -38.52 18.32 -18.24
CA ARG A 28 -39.88 18.87 -18.26
C ARG A 28 -39.89 20.37 -18.54
N HIS A 29 -38.85 21.10 -18.14
CA HIS A 29 -38.91 22.56 -18.15
C HIS A 29 -37.75 23.23 -18.90
N ILE A 30 -36.88 22.47 -19.54
CA ILE A 30 -35.74 23.10 -20.22
C ILE A 30 -36.23 23.81 -21.48
N PRO A 31 -35.81 25.06 -21.72
CA PRO A 31 -36.34 25.81 -22.88
C PRO A 31 -35.52 25.62 -24.14
N PHE A 32 -35.11 24.39 -24.43
CA PHE A 32 -34.39 24.06 -25.65
C PHE A 32 -34.80 22.66 -26.10
N PRO A 33 -34.83 22.40 -27.40
CA PRO A 33 -34.92 21.01 -27.87
C PRO A 33 -33.80 20.19 -27.26
N THR A 34 -34.14 19.16 -26.49
CA THR A 34 -33.17 18.44 -25.69
C THR A 34 -33.33 16.94 -25.92
N ASP A 35 -32.28 16.31 -26.45
CA ASP A 35 -32.23 14.86 -26.53
C ASP A 35 -31.59 14.30 -25.26
N LEU A 36 -32.08 13.15 -24.83
CA LEU A 36 -31.62 12.53 -23.58
C LEU A 36 -30.74 11.32 -23.90
N ALA A 37 -29.59 11.26 -23.25
CA ALA A 37 -28.75 10.08 -23.25
C ALA A 37 -28.63 9.56 -21.83
N VAL A 38 -28.67 8.24 -21.67
CA VAL A 38 -28.60 7.61 -20.36
C VAL A 38 -27.36 6.73 -20.32
N ILE A 39 -26.53 6.95 -19.30
CA ILE A 39 -25.42 6.05 -19.00
C ILE A 39 -25.92 5.01 -18.01
N ALA A 40 -25.82 3.74 -18.39
CA ALA A 40 -26.28 2.68 -17.51
C ALA A 40 -25.25 2.41 -16.42
N GLN A 41 -25.65 1.59 -15.45
CA GLN A 41 -24.76 1.27 -14.34
C GLN A 41 -23.59 0.39 -14.77
N ASP A 42 -23.67 -0.25 -15.93
CA ASP A 42 -22.57 -1.04 -16.47
C ASP A 42 -21.68 -0.23 -17.39
N GLY A 43 -21.83 1.08 -17.42
CA GLY A 43 -21.03 1.93 -18.28
C GLY A 43 -21.49 2.02 -19.71
N ARG A 44 -22.46 1.20 -20.11
CA ARG A 44 -22.95 1.23 -21.48
C ARG A 44 -24.07 2.26 -21.61
N TRP A 45 -24.20 2.82 -22.81
CA TRP A 45 -25.09 3.95 -23.05
C TRP A 45 -26.42 3.48 -23.62
N LEU A 46 -27.49 4.14 -23.18
CA LEU A 46 -28.83 3.95 -23.71
C LEU A 46 -29.22 5.21 -24.46
N LEU A 47 -29.49 5.08 -25.76
CA LEU A 47 -29.79 6.20 -26.63
C LEU A 47 -31.22 6.09 -27.14
N GLY A 48 -31.69 7.20 -27.71
CA GLY A 48 -32.99 7.23 -28.34
C GLY A 48 -34.12 7.01 -27.36
N GLU A 49 -35.15 6.29 -27.81
CA GLU A 49 -36.30 5.99 -26.96
C GLU A 49 -35.97 5.01 -25.85
N LYS A 50 -34.86 4.27 -25.97
CA LYS A 50 -34.40 3.44 -24.87
C LYS A 50 -34.00 4.28 -23.67
N ALA A 51 -33.46 5.48 -23.92
CA ALA A 51 -33.12 6.38 -22.83
C ALA A 51 -34.37 6.90 -22.14
N LEU A 52 -35.40 7.28 -22.90
CA LEU A 52 -36.64 7.74 -22.29
C LEU A 52 -37.33 6.61 -21.54
N THR A 53 -37.34 5.41 -22.12
CA THR A 53 -37.89 4.26 -21.41
C THR A 53 -37.15 4.01 -20.10
N ALA A 54 -35.82 4.19 -20.11
CA ALA A 54 -35.04 4.04 -18.89
C ALA A 54 -35.43 5.10 -17.86
N LEU A 55 -35.71 6.32 -18.32
CA LEU A 55 -36.12 7.39 -17.42
C LEU A 55 -37.41 7.06 -16.70
N GLU A 56 -38.25 6.19 -17.26
CA GLU A 56 -39.50 5.83 -16.60
C GLU A 56 -39.29 4.74 -15.55
N ALA A 57 -38.36 3.82 -15.78
CA ALA A 57 -38.02 2.80 -14.80
C ALA A 57 -37.19 3.34 -13.64
N LYS A 58 -36.69 4.57 -13.76
CA LYS A 58 -35.90 5.24 -12.72
C LYS A 58 -34.63 4.45 -12.36
N ALA A 59 -34.23 3.50 -13.21
CA ALA A 59 -33.03 2.71 -12.99
C ALA A 59 -32.67 1.93 -14.24
N ALA A 60 -31.51 2.22 -14.82
CA ALA A 60 -31.05 1.54 -16.03
C ALA A 60 -29.77 0.78 -15.68
N PRO A 61 -29.88 -0.45 -15.19
CA PRO A 61 -28.65 -1.19 -14.82
C PRO A 61 -27.85 -1.66 -16.02
N GLU A 62 -28.51 -1.98 -17.13
CA GLU A 62 -27.84 -2.44 -18.34
C GLU A 62 -27.97 -1.41 -19.45
N GLY A 63 -26.95 -1.36 -20.30
CA GLY A 63 -26.95 -0.46 -21.44
C GLY A 63 -26.59 -1.20 -22.71
N GLU A 64 -26.76 -0.50 -23.83
CA GLU A 64 -26.58 -1.11 -25.15
C GLU A 64 -25.23 -0.80 -25.78
N HIS A 65 -24.78 0.45 -25.73
CA HIS A 65 -23.58 0.84 -26.45
C HIS A 65 -22.42 1.08 -25.49
N PRO A 66 -21.29 0.41 -25.66
CA PRO A 66 -20.12 0.72 -24.84
C PRO A 66 -19.51 2.06 -25.26
N PHE A 67 -18.81 2.67 -24.31
CA PHE A 67 -18.20 3.97 -24.55
C PHE A 67 -17.08 3.84 -25.58
N PRO A 68 -16.97 4.81 -26.53
CA PRO A 68 -17.85 5.97 -26.67
C PRO A 68 -19.14 5.67 -27.44
N PRO A 69 -20.22 6.36 -27.07
CA PRO A 69 -21.52 6.11 -27.71
C PRO A 69 -21.52 6.58 -29.16
N PRO A 70 -22.19 5.85 -30.05
CA PRO A 70 -22.31 6.27 -31.45
C PRO A 70 -23.35 7.37 -31.65
N LEU A 71 -23.14 8.50 -30.97
CA LEU A 71 -24.00 9.66 -31.11
C LEU A 71 -23.52 10.57 -32.23
N SER A 72 -24.46 11.29 -32.81
CA SER A 72 -24.12 12.35 -33.77
C SER A 72 -23.88 13.61 -32.96
N TRP A 73 -22.63 13.82 -32.56
CA TRP A 73 -22.31 14.96 -31.70
C TRP A 73 -22.52 16.29 -32.40
N GLU A 74 -22.56 16.29 -33.74
CA GLU A 74 -22.68 17.53 -34.50
C GLU A 74 -24.08 18.12 -34.48
N ARG A 75 -25.10 17.37 -34.04
CA ARG A 75 -26.44 17.92 -33.94
C ARG A 75 -26.72 18.52 -32.56
N TYR A 76 -25.73 18.58 -31.69
CA TYR A 76 -25.89 19.15 -30.36
C TYR A 76 -24.95 20.33 -30.20
N ASP A 77 -25.50 21.47 -29.79
CA ASP A 77 -24.69 22.67 -29.57
C ASP A 77 -24.14 22.74 -28.14
N VAL A 78 -24.83 22.12 -27.19
CA VAL A 78 -24.41 22.10 -25.79
C VAL A 78 -24.72 20.73 -25.22
N VAL A 79 -23.80 20.20 -24.41
CA VAL A 79 -24.04 18.98 -23.63
C VAL A 79 -24.29 19.39 -22.18
N PHE A 80 -25.33 18.81 -21.58
CA PHE A 80 -25.64 19.04 -20.17
C PHE A 80 -25.35 17.75 -19.41
N PRO A 81 -24.15 17.60 -18.84
CA PRO A 81 -23.83 16.39 -18.06
C PRO A 81 -24.49 16.42 -16.69
N LEU A 82 -25.66 15.80 -16.59
CA LEU A 82 -26.40 15.74 -15.33
C LEU A 82 -26.03 14.49 -14.54
N LEU A 83 -24.73 14.24 -14.42
CA LEU A 83 -24.20 13.05 -13.76
C LEU A 83 -23.57 13.45 -12.43
N HIS A 84 -23.83 12.66 -11.39
CA HIS A 84 -23.31 12.96 -10.07
C HIS A 84 -22.26 11.94 -9.68
N GLY A 85 -21.26 12.40 -8.93
CA GLY A 85 -20.27 11.49 -8.38
C GLY A 85 -19.16 11.19 -9.37
N ARG A 86 -18.57 10.00 -9.19
CA ARG A 86 -17.48 9.56 -10.05
C ARG A 86 -17.95 9.39 -11.48
N PHE A 87 -17.04 9.68 -12.43
CA PHE A 87 -17.34 9.62 -13.87
C PHE A 87 -18.55 10.48 -14.22
N GLY A 88 -18.60 11.68 -13.62
CA GLY A 88 -19.66 12.64 -13.87
C GLY A 88 -19.30 14.01 -13.34
N GLU A 89 -19.01 14.09 -12.05
CA GLU A 89 -18.58 15.32 -11.40
C GLU A 89 -17.07 15.44 -11.27
N ASP A 90 -16.31 14.42 -11.65
CA ASP A 90 -14.88 14.36 -11.34
C ASP A 90 -13.99 14.80 -12.48
N GLY A 91 -14.55 15.23 -13.61
CA GLY A 91 -13.77 15.76 -14.70
C GLY A 91 -13.54 14.82 -15.87
N THR A 92 -13.87 13.54 -15.71
CA THR A 92 -13.64 12.58 -16.79
C THR A 92 -14.54 12.88 -17.99
N VAL A 93 -15.84 12.99 -17.77
CA VAL A 93 -16.78 13.30 -18.85
C VAL A 93 -16.47 14.69 -19.42
N GLN A 94 -16.08 15.63 -18.57
CA GLN A 94 -15.73 16.96 -19.05
C GLN A 94 -14.54 16.92 -20.00
N GLY A 95 -13.51 16.14 -19.67
CA GLY A 95 -12.34 16.05 -20.53
C GLY A 95 -12.65 15.41 -21.87
N PHE A 96 -13.52 14.39 -21.86
CA PHE A 96 -13.96 13.80 -23.12
C PHE A 96 -14.71 14.82 -23.98
N LEU A 97 -15.54 15.65 -23.34
CA LEU A 97 -16.28 16.67 -24.09
C LEU A 97 -15.36 17.79 -24.56
N GLU A 98 -14.30 18.10 -23.80
CA GLU A 98 -13.29 19.03 -24.28
C GLU A 98 -12.66 18.52 -25.57
N LEU A 99 -12.28 17.24 -25.59
CA LEU A 99 -11.69 16.66 -26.79
C LEU A 99 -12.66 16.61 -27.95
N LEU A 100 -13.96 16.66 -27.68
CA LEU A 100 -14.96 16.71 -28.74
C LEU A 100 -15.15 18.11 -29.31
N GLY A 101 -14.60 19.14 -28.65
CA GLY A 101 -14.91 20.50 -29.03
C GLY A 101 -16.36 20.87 -28.78
N LYS A 102 -16.97 20.29 -27.76
CA LYS A 102 -18.40 20.46 -27.52
C LYS A 102 -18.61 21.31 -26.27
N PRO A 103 -19.34 22.41 -26.36
CA PRO A 103 -19.66 23.19 -25.17
C PRO A 103 -20.50 22.38 -24.20
N TYR A 104 -20.25 22.56 -22.90
CA TYR A 104 -20.99 21.81 -21.90
C TYR A 104 -21.25 22.66 -20.67
N VAL A 105 -22.35 22.34 -19.97
CA VAL A 105 -22.76 23.06 -18.77
C VAL A 105 -21.93 22.59 -17.60
N GLY A 106 -21.57 23.51 -16.71
CA GLY A 106 -20.95 23.16 -15.45
C GLY A 106 -19.45 23.41 -15.43
N ALA A 107 -18.83 22.90 -14.38
CA ALA A 107 -17.41 23.14 -14.16
C ALA A 107 -16.56 22.39 -15.18
N GLY A 108 -15.40 22.98 -15.49
CA GLY A 108 -14.46 22.36 -16.39
C GLY A 108 -13.77 21.17 -15.75
N VAL A 109 -12.68 20.73 -16.40
CA VAL A 109 -11.96 19.54 -15.94
C VAL A 109 -11.30 19.79 -14.60
N ALA A 110 -10.52 20.87 -14.50
CA ALA A 110 -9.75 21.12 -13.27
C ALA A 110 -10.66 21.41 -12.10
N ALA A 111 -11.69 22.25 -12.31
CA ALA A 111 -12.59 22.57 -11.21
C ALA A 111 -13.37 21.34 -10.76
N SER A 112 -13.79 20.49 -11.70
CA SER A 112 -14.56 19.32 -11.31
C SER A 112 -13.72 18.34 -10.52
N ALA A 113 -12.52 18.02 -11.02
CA ALA A 113 -11.64 17.13 -10.29
C ALA A 113 -11.30 17.71 -8.92
N LEU A 114 -11.10 19.03 -8.84
CA LEU A 114 -10.71 19.66 -7.59
C LEU A 114 -11.84 19.68 -6.58
N CYS A 115 -13.02 20.18 -6.98
CA CYS A 115 -14.16 20.23 -6.07
C CYS A 115 -14.60 18.85 -5.62
N MET A 116 -14.28 17.79 -6.37
CA MET A 116 -14.66 16.44 -5.97
C MET A 116 -13.71 15.87 -4.92
N ASP A 117 -12.47 16.34 -4.90
CA ASP A 117 -11.46 15.86 -3.97
C ASP A 117 -11.59 16.62 -2.66
N LYS A 118 -12.07 15.92 -1.63
CA LYS A 118 -12.27 16.56 -0.33
C LYS A 118 -10.95 17.01 0.28
N ASP A 119 -9.85 16.34 -0.06
CA ASP A 119 -8.55 16.72 0.46
C ASP A 119 -7.97 17.92 -0.28
N LEU A 120 -7.97 17.85 -1.62
CA LEU A 120 -7.32 18.89 -2.42
C LEU A 120 -8.12 20.19 -2.45
N SER A 121 -9.45 20.14 -2.41
CA SER A 121 -10.22 21.37 -2.38
C SER A 121 -10.06 22.09 -1.04
N LYS A 122 -10.03 21.33 0.05
CA LYS A 122 -9.76 21.93 1.36
C LYS A 122 -8.39 22.60 1.39
N ARG A 123 -7.39 21.99 0.76
CA ARG A 123 -6.07 22.60 0.72
C ARG A 123 -6.09 23.93 -0.02
N VAL A 124 -6.81 23.99 -1.15
CA VAL A 124 -6.89 25.23 -1.91
C VAL A 124 -7.69 26.27 -1.15
N LEU A 125 -8.80 25.86 -0.54
CA LEU A 125 -9.65 26.81 0.20
C LEU A 125 -8.93 27.33 1.43
N ALA A 126 -8.29 26.45 2.20
CA ALA A 126 -7.54 26.89 3.37
C ALA A 126 -6.40 27.82 2.96
N GLN A 127 -5.73 27.52 1.85
CA GLN A 127 -4.69 28.41 1.35
C GLN A 127 -5.24 29.78 0.99
N ALA A 128 -6.52 29.85 0.59
CA ALA A 128 -7.16 31.11 0.26
C ALA A 128 -7.68 31.85 1.48
N GLY A 129 -7.65 31.23 2.65
CA GLY A 129 -8.23 31.80 3.85
C GLY A 129 -9.63 31.32 4.15
N VAL A 130 -10.26 30.62 3.22
CA VAL A 130 -11.61 30.10 3.46
C VAL A 130 -11.57 29.11 4.61
N PRO A 131 -12.46 29.23 5.61
CA PRO A 131 -12.40 28.30 6.74
C PRO A 131 -12.93 26.93 6.36
N VAL A 132 -12.21 25.89 6.80
CA VAL A 132 -12.60 24.51 6.57
C VAL A 132 -12.41 23.72 7.85
N VAL A 133 -13.20 22.65 7.99
CA VAL A 133 -13.07 21.77 9.16
C VAL A 133 -11.69 21.14 9.14
N PRO A 134 -11.00 21.05 10.28
CA PRO A 134 -9.68 20.40 10.29
C PRO A 134 -9.75 18.98 9.75
N TRP A 135 -8.71 18.59 9.02
CA TRP A 135 -8.70 17.30 8.34
C TRP A 135 -7.26 16.84 8.16
N VAL A 136 -7.12 15.58 7.76
CA VAL A 136 -5.85 15.02 7.34
C VAL A 136 -6.12 13.97 6.27
N ALA A 137 -5.25 13.93 5.27
CA ALA A 137 -5.32 12.92 4.22
C ALA A 137 -4.58 11.66 4.67
N VAL A 138 -5.19 10.51 4.40
CA VAL A 138 -4.59 9.22 4.68
C VAL A 138 -4.61 8.40 3.40
N ARG A 139 -3.45 8.03 2.90
CA ARG A 139 -3.33 7.26 1.67
C ARG A 139 -3.06 5.80 2.01
N LYS A 140 -3.44 4.92 1.08
CA LYS A 140 -3.31 3.48 1.30
C LYS A 140 -1.85 3.12 1.59
N GLY A 141 -1.61 2.53 2.74
CA GLY A 141 -0.26 2.15 3.13
C GLY A 141 0.32 3.03 4.21
N GLU A 142 0.62 4.30 3.86
CA GLU A 142 1.16 5.27 4.80
C GLU A 142 0.29 5.33 6.04
N PRO A 143 0.83 4.97 7.22
CA PRO A 143 -0.02 4.72 8.37
C PRO A 143 -0.75 5.99 8.80
N PRO A 144 -1.91 5.83 9.43
CA PRO A 144 -2.73 7.01 9.75
C PRO A 144 -2.16 7.85 10.88
N VAL A 145 -1.77 9.08 10.58
CA VAL A 145 -1.26 10.01 11.58
C VAL A 145 -2.27 11.15 11.66
N VAL A 146 -3.16 11.09 12.66
CA VAL A 146 -4.24 12.05 12.82
C VAL A 146 -3.84 13.04 13.92
N PRO A 147 -3.89 14.34 13.67
CA PRO A 147 -3.43 15.31 14.68
C PRO A 147 -4.45 15.64 15.75
N PHE A 148 -5.68 15.14 15.67
CA PHE A 148 -6.71 15.45 16.64
C PHE A 148 -7.33 14.18 17.18
N ASP A 149 -8.23 14.33 18.14
CA ASP A 149 -8.88 13.24 18.84
C ASP A 149 -10.28 13.01 18.29
N PRO A 150 -10.84 11.82 18.48
CA PRO A 150 -12.23 11.57 18.07
C PRO A 150 -13.21 12.46 18.82
N PRO A 151 -14.44 12.62 18.33
CA PRO A 151 -15.01 11.98 17.14
C PRO A 151 -14.55 12.59 15.83
N PHE A 152 -14.44 11.77 14.78
CA PHE A 152 -14.08 12.29 13.47
C PHE A 152 -14.77 11.47 12.39
N PHE A 153 -15.35 12.16 11.41
CA PHE A 153 -15.84 11.49 10.21
C PHE A 153 -14.66 11.01 9.38
N VAL A 154 -14.85 9.87 8.70
CA VAL A 154 -13.87 9.31 7.79
C VAL A 154 -14.54 9.13 6.43
N LYS A 155 -13.99 9.76 5.41
CA LYS A 155 -14.61 9.76 4.09
C LYS A 155 -13.62 9.36 3.02
N PRO A 156 -14.10 8.75 1.94
CA PRO A 156 -13.28 8.67 0.73
C PRO A 156 -13.06 10.08 0.18
N ALA A 157 -11.84 10.31 -0.32
CA ALA A 157 -11.49 11.66 -0.77
C ALA A 157 -12.27 12.10 -1.99
N ASN A 158 -12.75 11.16 -2.81
CA ASN A 158 -13.53 11.46 -4.02
C ASN A 158 -14.85 10.73 -4.00
N THR A 159 -15.56 10.80 -2.87
CA THR A 159 -16.84 10.12 -2.73
C THR A 159 -17.93 10.88 -3.48
N GLY A 160 -18.79 10.12 -4.17
CA GLY A 160 -19.97 10.69 -4.80
C GLY A 160 -20.90 11.30 -3.79
N SER A 161 -21.37 10.50 -2.83
CA SER A 161 -22.26 10.99 -1.80
C SER A 161 -22.34 9.91 -0.72
N SER A 162 -21.80 10.22 0.45
CA SER A 162 -21.93 9.44 1.68
C SER A 162 -21.86 7.93 1.46
N VAL A 163 -20.84 7.48 0.73
CA VAL A 163 -20.60 6.05 0.50
C VAL A 163 -19.25 5.72 1.09
N GLY A 164 -19.24 4.88 2.13
CA GLY A 164 -18.02 4.55 2.83
C GLY A 164 -17.64 5.52 3.92
N ILE A 165 -18.57 6.36 4.37
CA ILE A 165 -18.31 7.34 5.42
C ILE A 165 -18.79 6.77 6.74
N SER A 166 -17.97 6.95 7.78
CA SER A 166 -18.30 6.42 9.10
C SER A 166 -17.85 7.40 10.17
N ARG A 167 -18.74 7.72 11.11
CA ARG A 167 -18.38 8.51 12.27
C ARG A 167 -17.64 7.61 13.27
N VAL A 168 -16.48 8.07 13.73
CA VAL A 168 -15.60 7.28 14.57
C VAL A 168 -15.51 7.95 15.94
N GLU A 169 -16.04 7.29 16.96
CA GLU A 169 -16.04 7.84 18.31
C GLU A 169 -14.83 7.46 19.13
N ARG A 170 -14.06 6.47 18.67
CA ARG A 170 -12.87 6.02 19.39
C ARG A 170 -11.84 5.53 18.39
N PHE A 171 -10.56 5.78 18.70
CA PHE A 171 -9.48 5.48 17.79
C PHE A 171 -9.37 3.99 17.46
N GLN A 172 -9.92 3.11 18.32
CA GLN A 172 -9.89 1.69 18.02
C GLN A 172 -10.67 1.38 16.74
N ASP A 173 -11.75 2.12 16.50
CA ASP A 173 -12.58 1.91 15.32
C ASP A 173 -12.04 2.61 14.07
N LEU A 174 -10.87 3.25 14.16
CA LEU A 174 -10.35 3.98 13.01
C LEU A 174 -9.94 3.05 11.88
N GLU A 175 -9.29 1.92 12.22
CA GLU A 175 -8.83 1.01 11.17
C GLU A 175 -10.00 0.44 10.38
N ALA A 176 -11.07 0.04 11.06
CA ALA A 176 -12.26 -0.43 10.35
C ALA A 176 -12.87 0.69 9.52
N ALA A 177 -12.88 1.92 10.04
CA ALA A 177 -13.35 3.06 9.26
C ALA A 177 -12.42 3.35 8.09
N LEU A 178 -11.10 3.20 8.30
CA LEU A 178 -10.11 3.43 7.26
C LEU A 178 -9.97 2.23 6.34
N ALA A 179 -10.98 1.40 6.28
CA ALA A 179 -11.06 0.31 5.31
C ALA A 179 -12.35 0.31 4.50
N LEU A 180 -13.48 0.71 5.09
CA LEU A 180 -14.69 0.93 4.30
C LEU A 180 -14.50 2.08 3.32
N ALA A 181 -13.58 3.01 3.64
CA ALA A 181 -13.31 4.12 2.74
C ALA A 181 -12.38 3.73 1.60
N PHE A 182 -11.43 2.83 1.86
CA PHE A 182 -10.49 2.43 0.83
C PHE A 182 -11.09 1.45 -0.18
N ARG A 183 -12.34 1.03 0.03
CA ARG A 183 -13.04 0.23 -0.97
C ARG A 183 -13.56 1.07 -2.11
N TYR A 184 -13.55 2.40 -1.98
CA TYR A 184 -14.03 3.30 -3.01
C TYR A 184 -12.99 4.30 -3.50
N ASP A 185 -11.92 4.55 -2.73
CA ASP A 185 -10.89 5.49 -3.15
C ASP A 185 -9.57 5.08 -2.51
N GLU A 186 -8.49 5.24 -3.27
CA GLU A 186 -7.15 4.97 -2.75
C GLU A 186 -6.68 6.03 -1.77
N LYS A 187 -7.37 7.17 -1.68
CA LYS A 187 -7.05 8.21 -0.72
C LYS A 187 -8.28 8.52 0.11
N ALA A 188 -8.09 8.72 1.41
CA ALA A 188 -9.17 9.06 2.32
C ALA A 188 -8.86 10.38 3.02
N VAL A 189 -9.88 10.91 3.68
CA VAL A 189 -9.75 12.09 4.53
C VAL A 189 -10.31 11.75 5.90
N VAL A 190 -9.79 12.41 6.92
CA VAL A 190 -10.23 12.23 8.30
C VAL A 190 -10.49 13.62 8.86
N GLU A 191 -11.74 14.05 8.87
CA GLU A 191 -12.11 15.38 9.34
C GLU A 191 -12.63 15.32 10.77
N LYS A 192 -12.34 16.39 11.51
CA LYS A 192 -12.85 16.53 12.87
C LYS A 192 -14.38 16.64 12.85
N ALA A 193 -15.04 15.77 13.61
CA ALA A 193 -16.50 15.75 13.66
C ALA A 193 -16.99 16.91 14.53
N LEU A 194 -17.86 17.74 13.96
CA LEU A 194 -18.45 18.85 14.69
C LEU A 194 -19.79 18.43 15.28
N SER A 195 -20.11 18.94 16.47
CA SER A 195 -21.36 18.62 17.16
C SER A 195 -21.69 19.76 18.10
N PRO A 196 -22.91 20.33 18.02
CA PRO A 196 -23.92 20.05 17.00
C PRO A 196 -23.65 20.88 15.74
N VAL A 197 -24.33 20.61 14.62
CA VAL A 197 -24.04 21.31 13.37
C VAL A 197 -25.35 21.65 12.65
N ARG A 198 -25.40 22.86 12.10
CA ARG A 198 -26.45 23.28 11.18
C ARG A 198 -25.86 23.29 9.77
N GLU A 199 -26.57 22.69 8.82
CA GLU A 199 -26.10 22.59 7.45
C GLU A 199 -26.72 23.71 6.62
N LEU A 200 -25.88 24.62 6.12
CA LEU A 200 -26.30 25.72 5.27
C LEU A 200 -25.81 25.47 3.85
N GLU A 201 -26.61 25.89 2.88
CA GLU A 201 -26.29 25.69 1.47
C GLU A 201 -26.57 26.96 0.69
N VAL A 202 -25.73 27.22 -0.32
CA VAL A 202 -25.82 28.41 -1.16
C VAL A 202 -25.65 27.99 -2.61
N GLY A 203 -26.51 28.51 -3.49
CA GLY A 203 -26.35 28.32 -4.91
C GLY A 203 -25.57 29.48 -5.53
N VAL A 204 -24.71 29.14 -6.49
CA VAL A 204 -23.96 30.14 -7.25
C VAL A 204 -24.19 29.88 -8.73
N LEU A 205 -24.29 30.96 -9.50
CA LEU A 205 -24.57 30.88 -10.93
C LEU A 205 -23.68 31.86 -11.66
N GLY A 206 -23.05 31.39 -12.73
CA GLY A 206 -22.16 32.21 -13.52
C GLY A 206 -20.83 31.53 -13.75
N ASN A 207 -20.01 32.18 -14.57
CA ASN A 207 -18.70 31.65 -14.96
C ASN A 207 -17.63 32.38 -14.15
N VAL A 208 -17.06 31.67 -13.17
CA VAL A 208 -15.96 32.14 -12.34
C VAL A 208 -16.43 33.27 -11.42
N PHE A 209 -16.89 34.38 -12.00
CA PHE A 209 -17.46 35.49 -11.25
C PHE A 209 -18.97 35.33 -11.27
N GLY A 210 -19.49 34.59 -10.30
CA GLY A 210 -20.90 34.24 -10.26
C GLY A 210 -21.67 35.04 -9.22
N GLU A 211 -22.99 34.86 -9.26
CA GLU A 211 -23.92 35.47 -8.31
C GLU A 211 -24.45 34.40 -7.37
N ALA A 212 -24.73 34.81 -6.14
CA ALA A 212 -25.16 33.89 -5.09
C ALA A 212 -26.67 33.97 -4.90
N SER A 213 -27.27 32.82 -4.59
CA SER A 213 -28.67 32.77 -4.19
C SER A 213 -28.79 33.15 -2.72
N PRO A 214 -30.01 33.29 -2.21
CA PRO A 214 -30.19 33.31 -0.77
C PRO A 214 -29.66 32.03 -0.15
N VAL A 215 -29.39 32.10 1.14
CA VAL A 215 -28.85 30.95 1.85
C VAL A 215 -29.99 30.14 2.44
N GLY A 216 -29.91 28.81 2.31
CA GLY A 216 -30.91 27.93 2.88
C GLY A 216 -30.31 26.99 3.92
N GLU A 217 -31.16 26.36 4.73
CA GLU A 217 -30.68 25.46 5.77
C GLU A 217 -31.41 24.12 5.69
N VAL A 218 -30.67 23.05 5.94
CA VAL A 218 -31.22 21.69 5.95
C VAL A 218 -31.37 21.23 7.39
N ARG A 219 -32.50 20.59 7.69
CA ARG A 219 -32.73 20.03 9.02
C ARG A 219 -33.37 18.63 8.93
N ARG A 235 -38.15 13.45 5.75
CA ARG A 235 -37.12 13.62 4.73
C ARG A 235 -36.09 14.66 5.18
N ALA A 236 -36.22 15.87 4.67
CA ALA A 236 -35.33 16.97 5.05
C ALA A 236 -36.04 18.29 4.78
N GLU A 237 -36.10 19.14 5.79
CA GLU A 237 -36.73 20.45 5.65
C GLU A 237 -35.71 21.46 5.13
N LEU A 238 -36.17 22.32 4.22
CA LEU A 238 -35.33 23.34 3.60
C LEU A 238 -35.86 24.71 4.00
N LEU A 239 -35.19 25.37 4.93
CA LEU A 239 -35.58 26.69 5.40
C LEU A 239 -34.99 27.74 4.46
N ILE A 240 -35.84 28.34 3.63
CA ILE A 240 -35.38 29.39 2.71
C ILE A 240 -36.19 30.66 2.96
N PRO A 241 -35.57 31.76 3.43
CA PRO A 241 -34.14 31.82 3.72
C PRO A 241 -33.80 31.25 5.10
N ALA A 242 -32.52 31.02 5.35
CA ALA A 242 -32.10 30.36 6.58
C ALA A 242 -32.22 31.32 7.75
N PRO A 243 -32.73 30.85 8.90
CA PRO A 243 -32.85 31.73 10.07
C PRO A 243 -31.49 32.15 10.60
N LEU A 244 -30.90 33.20 10.01
CA LEU A 244 -29.53 33.58 10.31
C LEU A 244 -29.43 35.07 10.59
N ASP A 245 -28.51 35.44 11.49
CA ASP A 245 -28.12 36.82 11.72
C ASP A 245 -27.67 37.43 10.39
N PRO A 246 -27.89 38.74 10.18
CA PRO A 246 -27.75 39.27 8.81
C PRO A 246 -26.33 39.28 8.30
N GLY A 247 -25.34 39.52 9.17
CA GLY A 247 -23.95 39.41 8.75
C GLY A 247 -23.54 37.99 8.42
N THR A 248 -24.12 37.00 9.13
CA THR A 248 -23.84 35.60 8.84
C THR A 248 -24.34 35.19 7.46
N GLN A 249 -25.41 35.82 6.98
CA GLN A 249 -25.92 35.49 5.64
C GLN A 249 -25.02 36.04 4.55
N GLU A 250 -24.54 37.28 4.71
CA GLU A 250 -23.70 37.88 3.70
C GLU A 250 -22.29 37.29 3.71
N THR A 251 -21.81 36.84 4.88
CA THR A 251 -20.52 36.17 4.95
C THR A 251 -20.56 34.81 4.25
N VAL A 252 -21.63 34.06 4.46
CA VAL A 252 -21.76 32.75 3.81
C VAL A 252 -21.81 32.91 2.30
N GLN A 253 -22.46 33.97 1.81
CA GLN A 253 -22.53 34.19 0.37
C GLN A 253 -21.19 34.64 -0.19
N GLU A 254 -20.55 35.61 0.45
CA GLU A 254 -19.23 36.07 0.00
C GLU A 254 -18.19 34.95 0.10
N LEU A 255 -18.30 34.08 1.11
CA LEU A 255 -17.41 32.93 1.20
C LEU A 255 -17.71 31.89 0.14
N ALA A 256 -18.91 31.90 -0.42
CA ALA A 256 -19.20 30.98 -1.52
C ALA A 256 -18.71 31.53 -2.85
N LEU A 257 -18.70 32.85 -3.00
CA LEU A 257 -18.27 33.46 -4.25
C LEU A 257 -16.74 33.41 -4.38
N LYS A 258 -16.03 33.74 -3.31
CA LYS A 258 -14.58 33.69 -3.32
C LYS A 258 -14.09 32.28 -3.61
N ALA A 259 -14.66 31.29 -2.92
CA ALA A 259 -14.35 29.89 -3.21
C ALA A 259 -14.70 29.55 -4.65
N TYR A 260 -15.88 29.96 -5.11
CA TYR A 260 -16.24 29.81 -6.51
C TYR A 260 -15.20 30.44 -7.42
N LYS A 261 -14.67 31.59 -7.01
CA LYS A 261 -13.74 32.32 -7.88
C LYS A 261 -12.35 31.69 -7.87
N VAL A 262 -11.87 31.30 -6.69
CA VAL A 262 -10.55 30.72 -6.58
C VAL A 262 -10.48 29.39 -7.34
N LEU A 263 -11.49 28.54 -7.17
CA LEU A 263 -11.50 27.26 -7.86
C LEU A 263 -11.80 27.38 -9.34
N GLY A 264 -12.18 28.56 -9.82
CA GLY A 264 -12.50 28.75 -11.22
C GLY A 264 -13.70 27.96 -11.71
N VAL A 265 -14.74 27.85 -10.89
CA VAL A 265 -15.93 27.10 -11.29
C VAL A 265 -16.68 27.85 -12.37
N ARG A 266 -17.26 27.11 -13.30
CA ARG A 266 -18.11 27.67 -14.34
C ARG A 266 -19.52 27.09 -14.25
N GLY A 267 -20.46 27.81 -14.85
CA GLY A 267 -21.84 27.39 -14.86
C GLY A 267 -22.54 27.53 -13.53
N MET A 268 -22.27 26.61 -12.60
CA MET A 268 -23.01 26.56 -11.34
C MET A 268 -22.19 25.81 -10.31
N ALA A 269 -22.66 25.90 -9.06
CA ALA A 269 -22.18 25.10 -7.94
C ALA A 269 -23.10 25.33 -6.75
N ARG A 270 -23.34 24.27 -5.97
CA ARG A 270 -24.01 24.39 -4.68
C ARG A 270 -22.96 24.25 -3.60
N VAL A 271 -22.70 25.34 -2.88
CA VAL A 271 -21.67 25.39 -1.85
C VAL A 271 -22.34 25.14 -0.51
N ASP A 272 -21.94 24.05 0.15
CA ASP A 272 -22.49 23.68 1.45
C ASP A 272 -21.58 24.16 2.56
N PHE A 273 -22.18 24.62 3.66
CA PHE A 273 -21.44 25.11 4.80
C PHE A 273 -21.88 24.37 6.05
N PHE A 274 -20.97 24.29 7.02
CA PHE A 274 -21.29 23.84 8.36
C PHE A 274 -21.39 25.03 9.29
N LEU A 275 -22.28 24.94 10.27
CA LEU A 275 -22.35 25.92 11.35
C LEU A 275 -22.49 25.13 12.64
N ALA A 276 -21.40 25.02 13.39
CA ALA A 276 -21.39 24.28 14.64
C ALA A 276 -22.24 24.99 15.68
N GLU A 277 -21.73 26.07 16.25
CA GLU A 277 -22.52 26.89 17.15
C GLU A 277 -22.41 28.32 16.67
N GLY A 278 -21.19 28.80 16.60
CA GLY A 278 -20.89 30.11 16.09
C GLY A 278 -19.78 30.04 15.05
N GLU A 279 -19.26 28.84 14.84
CA GLU A 279 -18.12 28.63 13.95
C GLU A 279 -18.60 28.23 12.57
N LEU A 280 -18.19 28.98 11.55
CA LEU A 280 -18.59 28.75 10.17
C LEU A 280 -17.49 28.00 9.43
N TYR A 281 -17.88 26.97 8.69
CA TYR A 281 -16.94 26.14 7.92
C TYR A 281 -17.53 25.85 6.56
N LEU A 282 -16.75 26.07 5.50
CA LEU A 282 -17.15 25.63 4.18
C LEU A 282 -16.91 24.12 4.06
N ASN A 283 -17.94 23.39 3.65
CA ASN A 283 -17.87 21.92 3.62
C ASN A 283 -17.35 21.44 2.27
N GLU A 284 -18.21 21.48 1.25
CA GLU A 284 -17.83 21.04 -0.09
C GLU A 284 -18.62 21.82 -1.12
N LEU A 285 -18.05 21.89 -2.33
CA LEU A 285 -18.71 22.48 -3.49
C LEU A 285 -19.24 21.36 -4.37
N ASN A 286 -20.50 21.49 -4.81
CA ASN A 286 -21.15 20.49 -5.66
C ASN A 286 -21.33 21.11 -7.04
N THR A 287 -20.61 20.59 -8.03
CA THR A 287 -20.63 21.21 -9.34
C THR A 287 -21.81 20.74 -10.17
N ILE A 288 -22.30 19.53 -9.94
CA ILE A 288 -23.53 19.06 -10.57
C ILE A 288 -24.53 18.74 -9.46
N PRO A 289 -25.19 19.73 -8.89
CA PRO A 289 -26.14 19.46 -7.79
C PRO A 289 -27.38 18.74 -8.29
N GLY A 290 -28.17 18.25 -7.34
CA GLY A 290 -29.47 17.69 -7.68
C GLY A 290 -30.32 18.72 -8.39
N PHE A 291 -31.10 18.26 -9.37
CA PHE A 291 -31.81 19.19 -10.24
C PHE A 291 -33.27 18.82 -10.46
N THR A 292 -33.88 18.04 -9.57
CA THR A 292 -35.32 17.94 -9.57
C THR A 292 -35.91 19.32 -9.28
N PRO A 293 -37.13 19.60 -9.75
CA PRO A 293 -37.70 20.94 -9.54
C PRO A 293 -37.80 21.33 -8.06
N THR A 294 -37.62 20.36 -7.18
CA THR A 294 -37.70 20.58 -5.74
C THR A 294 -36.36 20.44 -5.03
N SER A 295 -35.28 20.16 -5.76
CA SER A 295 -33.97 20.09 -5.12
C SER A 295 -33.56 21.46 -4.59
N MET A 296 -32.55 21.45 -3.72
CA MET A 296 -32.18 22.68 -3.02
C MET A 296 -31.68 23.75 -4.00
N TYR A 297 -30.80 23.37 -4.92
CA TYR A 297 -30.24 24.35 -5.84
C TYR A 297 -31.31 25.04 -6.67
N PRO A 298 -32.26 24.35 -7.30
CA PRO A 298 -33.37 25.08 -7.94
C PRO A 298 -34.19 25.90 -6.95
N ARG A 299 -34.54 25.31 -5.79
CA ARG A 299 -35.30 26.04 -4.79
C ARG A 299 -34.56 27.29 -4.33
N LEU A 300 -33.23 27.20 -4.21
CA LEU A 300 -32.43 28.35 -3.78
C LEU A 300 -32.59 29.52 -4.74
N PHE A 301 -32.30 29.30 -6.02
CA PHE A 301 -32.42 30.38 -6.99
C PHE A 301 -33.88 30.70 -7.31
N GLU A 302 -34.80 29.77 -7.05
CA GLU A 302 -36.22 30.10 -7.14
C GLU A 302 -36.56 31.24 -6.18
N ALA A 303 -36.09 31.15 -4.94
CA ALA A 303 -36.28 32.22 -3.98
C ALA A 303 -35.46 33.47 -4.31
N GLY A 304 -34.51 33.36 -5.24
CA GLY A 304 -33.72 34.49 -5.69
C GLY A 304 -34.26 35.19 -6.91
N GLY A 305 -35.49 34.88 -7.33
CA GLY A 305 -36.07 35.52 -8.49
C GLY A 305 -35.70 34.90 -9.81
N VAL A 306 -35.23 33.66 -9.81
CA VAL A 306 -34.83 32.96 -11.03
C VAL A 306 -35.66 31.68 -11.12
N ALA A 307 -36.66 31.70 -11.99
CA ALA A 307 -37.50 30.53 -12.16
C ALA A 307 -36.72 29.38 -12.79
N TYR A 308 -37.16 28.16 -12.48
CA TYR A 308 -36.50 26.95 -12.97
C TYR A 308 -36.24 26.97 -14.48
N PRO A 309 -37.16 27.40 -15.35
CA PRO A 309 -36.79 27.53 -16.76
C PRO A 309 -35.72 28.58 -17.02
N GLU A 310 -35.80 29.72 -16.33
CA GLU A 310 -34.77 30.74 -16.53
C GLU A 310 -33.43 30.29 -15.97
N LEU A 311 -33.44 29.48 -14.90
CA LEU A 311 -32.20 28.92 -14.38
C LEU A 311 -31.55 28.00 -15.41
N LEU A 312 -32.35 27.14 -16.04
CA LEU A 312 -31.81 26.24 -17.05
C LEU A 312 -31.34 26.99 -18.29
N ARG A 313 -32.05 28.06 -18.66
CA ARG A 313 -31.68 28.81 -19.85
C ARG A 313 -30.31 29.46 -19.68
N ARG A 314 -30.08 30.10 -18.53
CA ARG A 314 -28.81 30.76 -18.28
C ARG A 314 -27.68 29.76 -18.18
N LEU A 315 -27.94 28.59 -17.60
CA LEU A 315 -26.93 27.54 -17.56
C LEU A 315 -26.49 27.15 -18.98
N VAL A 316 -27.45 26.99 -19.89
CA VAL A 316 -27.11 26.66 -21.27
C VAL A 316 -26.35 27.80 -21.91
N GLU A 317 -26.79 29.05 -21.66
CA GLU A 317 -26.15 30.20 -22.27
C GLU A 317 -24.77 30.45 -21.68
N LEU A 318 -24.57 30.13 -20.40
CA LEU A 318 -23.23 30.25 -19.81
C LEU A 318 -22.25 29.28 -20.45
N ALA A 319 -22.73 28.12 -20.91
CA ALA A 319 -21.83 27.18 -21.58
C ALA A 319 -21.43 27.68 -22.95
N LEU A 320 -22.34 28.37 -23.64
CA LEU A 320 -22.03 28.89 -24.96
C LEU A 320 -21.13 30.11 -24.87
N THR A 321 -21.30 30.92 -23.83
CA THR A 321 -20.47 32.11 -23.69
C THR A 321 -19.01 31.76 -23.46
N HIS A 322 -18.73 30.66 -22.78
CA HIS A 322 -17.34 30.32 -22.47
C HIS A 322 -16.64 29.65 -23.66
N HIS A 323 -17.32 28.71 -24.32
CA HIS A 323 -16.66 27.95 -25.38
C HIS A 323 -16.45 28.77 -26.64
N HIS A 324 -17.32 29.73 -26.93
CA HIS A 324 -17.23 30.49 -28.16
C HIS A 324 -16.59 31.87 -27.98
N HIS A 325 -16.71 32.48 -26.81
CA HIS A 325 -16.20 33.82 -26.58
C HIS A 325 -15.08 33.87 -25.55
N HIS A 326 -14.79 32.79 -24.85
CA HIS A 326 -13.68 32.75 -23.90
C HIS A 326 -12.65 31.71 -24.33
N MET B 3 0.18 -8.88 -23.55
CA MET B 3 0.22 -7.51 -23.07
C MET B 3 0.47 -6.52 -24.20
N ARG B 4 -0.62 -6.10 -24.86
CA ARG B 4 -0.53 -5.14 -25.96
C ARG B 4 -0.65 -3.71 -25.43
N VAL B 5 0.22 -2.85 -25.94
CA VAL B 5 0.33 -1.47 -25.47
C VAL B 5 0.00 -0.54 -26.63
N LEU B 6 -0.81 0.48 -26.36
CA LEU B 6 -1.11 1.52 -27.33
C LEU B 6 -0.35 2.79 -26.95
N LEU B 7 0.33 3.38 -27.93
CA LEU B 7 1.06 4.62 -27.76
C LEU B 7 0.41 5.71 -28.60
N ILE B 8 0.04 6.81 -27.94
CA ILE B 8 -0.56 7.96 -28.60
C ILE B 8 0.44 9.10 -28.56
N ALA B 9 0.69 9.72 -29.72
CA ALA B 9 1.70 10.75 -29.85
C ALA B 9 1.18 11.85 -30.77
N GLY B 10 2.00 12.88 -30.96
CA GLY B 10 1.62 14.02 -31.79
C GLY B 10 0.93 15.11 -30.96
N GLY B 11 -0.28 15.48 -31.38
CA GLY B 11 -1.07 16.43 -30.61
C GLY B 11 -1.35 17.73 -31.33
N VAL B 12 -2.31 18.49 -30.80
CA VAL B 12 -2.66 19.80 -31.35
C VAL B 12 -1.84 20.92 -30.73
N SER B 13 -1.11 20.64 -29.66
CA SER B 13 -0.33 21.66 -28.96
C SER B 13 0.91 22.04 -29.76
N PRO B 14 1.53 23.17 -29.43
CA PRO B 14 2.78 23.55 -30.13
C PRO B 14 3.91 22.54 -29.96
N GLU B 15 3.79 21.59 -29.03
CA GLU B 15 4.80 20.56 -28.81
C GLU B 15 4.48 19.26 -29.55
N HIS B 16 3.76 19.37 -30.68
CA HIS B 16 3.47 18.18 -31.48
C HIS B 16 4.74 17.56 -32.03
N GLU B 17 5.70 18.40 -32.45
CA GLU B 17 6.93 17.89 -33.03
C GLU B 17 7.71 17.05 -32.03
N VAL B 18 7.96 17.59 -30.83
CA VAL B 18 8.71 16.86 -29.82
C VAL B 18 7.94 15.65 -29.31
N SER B 19 6.62 15.60 -29.55
CA SER B 19 5.84 14.45 -29.12
C SER B 19 6.13 13.24 -30.00
N LEU B 20 6.27 13.46 -31.31
CA LEU B 20 6.62 12.36 -32.20
C LEU B 20 8.05 11.90 -31.98
N LEU B 21 8.97 12.83 -31.71
CA LEU B 21 10.35 12.47 -31.42
C LEU B 21 10.43 11.59 -30.18
N SER B 22 9.60 11.87 -29.17
CA SER B 22 9.57 11.02 -27.98
C SER B 22 9.00 9.64 -28.30
N ALA B 23 8.04 9.56 -29.21
CA ALA B 23 7.48 8.28 -29.59
C ALA B 23 8.51 7.40 -30.30
N GLU B 24 9.34 8.00 -31.15
CA GLU B 24 10.36 7.22 -31.85
C GLU B 24 11.28 6.53 -30.88
N GLY B 25 11.54 7.17 -29.74
CA GLY B 25 12.44 6.62 -28.75
C GLY B 25 11.80 5.51 -27.92
N VAL B 26 10.54 5.68 -27.56
CA VAL B 26 9.87 4.68 -26.73
C VAL B 26 9.72 3.37 -27.50
N LEU B 27 9.26 3.47 -28.76
CA LEU B 27 9.05 2.27 -29.59
C LEU B 27 10.30 1.42 -29.68
N ARG B 28 11.47 2.05 -29.82
CA ARG B 28 12.70 1.30 -30.02
C ARG B 28 13.04 0.47 -28.78
N HIS B 29 12.70 0.97 -27.60
CA HIS B 29 13.17 0.34 -26.36
C HIS B 29 12.05 -0.12 -25.43
N ILE B 30 10.79 0.06 -25.79
CA ILE B 30 9.73 -0.45 -24.92
C ILE B 30 9.70 -1.98 -25.00
N PRO B 31 9.68 -2.69 -23.87
CA PRO B 31 9.76 -4.15 -23.92
C PRO B 31 8.47 -4.86 -24.31
N PHE B 32 7.39 -4.12 -24.57
CA PHE B 32 6.10 -4.70 -24.90
C PHE B 32 5.76 -4.47 -26.36
N PRO B 33 4.92 -5.33 -26.94
CA PRO B 33 4.37 -5.04 -28.27
C PRO B 33 3.56 -3.74 -28.22
N THR B 34 3.84 -2.85 -29.17
CA THR B 34 3.30 -1.50 -29.10
C THR B 34 3.00 -0.99 -30.51
N ASP B 35 1.73 -0.69 -30.76
CA ASP B 35 1.31 -0.02 -31.97
C ASP B 35 1.25 1.48 -31.74
N LEU B 36 1.42 2.25 -32.81
CA LEU B 36 1.43 3.71 -32.74
C LEU B 36 0.14 4.27 -33.32
N ALA B 37 -0.48 5.20 -32.59
CA ALA B 37 -1.55 6.05 -33.10
C ALA B 37 -1.11 7.50 -32.95
N VAL B 38 -1.46 8.34 -33.92
CA VAL B 38 -0.99 9.72 -33.96
C VAL B 38 -2.19 10.65 -33.99
N ILE B 39 -2.14 11.70 -33.17
CA ILE B 39 -3.07 12.81 -33.26
C ILE B 39 -2.41 13.88 -34.10
N ALA B 40 -2.96 14.14 -35.28
CA ALA B 40 -2.43 15.20 -36.11
C ALA B 40 -2.72 16.56 -35.48
N GLN B 41 -2.11 17.59 -36.05
CA GLN B 41 -2.19 18.94 -35.49
C GLN B 41 -3.52 19.63 -35.77
N ASP B 42 -4.42 18.99 -36.52
CA ASP B 42 -5.76 19.53 -36.79
C ASP B 42 -6.84 18.85 -35.95
N GLY B 43 -6.48 17.92 -35.08
CA GLY B 43 -7.44 17.24 -34.24
C GLY B 43 -7.70 15.80 -34.66
N ARG B 44 -7.74 15.56 -35.97
CA ARG B 44 -8.06 14.25 -36.49
C ARG B 44 -6.88 13.30 -36.34
N TRP B 45 -7.20 12.02 -36.13
CA TRP B 45 -6.19 11.02 -35.79
C TRP B 45 -5.69 10.29 -37.04
N LEU B 46 -4.55 9.63 -36.89
CA LEU B 46 -3.98 8.75 -37.90
C LEU B 46 -3.60 7.43 -37.26
N LEU B 47 -4.06 6.33 -37.83
CA LEU B 47 -3.88 5.00 -37.26
C LEU B 47 -3.04 4.13 -38.18
N GLY B 48 -2.71 2.93 -37.70
CA GLY B 48 -2.11 1.94 -38.59
C GLY B 48 -0.78 2.40 -39.13
N GLU B 49 -0.45 1.95 -40.35
CA GLU B 49 0.76 2.40 -41.02
C GLU B 49 0.71 3.88 -41.38
N LYS B 50 -0.48 4.47 -41.43
CA LYS B 50 -0.58 5.92 -41.63
C LYS B 50 -0.01 6.67 -40.43
N ALA B 51 -0.08 6.09 -39.24
CA ALA B 51 0.55 6.70 -38.07
C ALA B 51 2.06 6.58 -38.15
N LEU B 52 2.56 5.42 -38.58
CA LEU B 52 3.99 5.25 -38.78
C LEU B 52 4.52 6.19 -39.87
N THR B 53 3.68 6.48 -40.88
CA THR B 53 4.09 7.43 -41.90
C THR B 53 4.28 8.82 -41.30
N ALA B 54 3.39 9.23 -40.39
CA ALA B 54 3.53 10.53 -39.75
C ALA B 54 4.76 10.60 -38.87
N LEU B 55 5.16 9.48 -38.26
CA LEU B 55 6.31 9.48 -37.36
C LEU B 55 7.62 9.64 -38.13
N GLU B 56 7.80 8.84 -39.19
CA GLU B 56 9.01 8.93 -40.00
C GLU B 56 9.16 10.27 -40.69
N ALA B 57 8.09 11.07 -40.75
CA ALA B 57 8.14 12.43 -41.28
C ALA B 57 8.29 13.48 -40.19
N LYS B 58 8.29 13.07 -38.92
CA LYS B 58 8.47 13.93 -37.76
C LYS B 58 7.35 14.97 -37.60
N ALA B 59 6.27 14.87 -38.39
CA ALA B 59 5.17 15.82 -38.28
C ALA B 59 3.95 15.23 -38.99
N ALA B 60 2.80 15.81 -38.70
CA ALA B 60 1.54 15.35 -39.31
C ALA B 60 0.55 16.50 -39.22
N PRO B 61 0.49 17.34 -40.26
CA PRO B 61 -0.38 18.52 -40.19
C PRO B 61 -1.86 18.21 -40.30
N GLU B 62 -2.24 17.07 -40.88
CA GLU B 62 -3.65 16.75 -41.07
C GLU B 62 -3.91 15.29 -40.76
N GLY B 63 -5.07 15.01 -40.17
CA GLY B 63 -5.47 13.68 -39.81
C GLY B 63 -6.65 13.18 -40.63
N GLU B 64 -6.93 11.88 -40.49
CA GLU B 64 -7.96 11.20 -41.26
C GLU B 64 -9.26 11.01 -40.49
N HIS B 65 -9.21 10.60 -39.23
CA HIS B 65 -10.40 10.26 -38.47
C HIS B 65 -10.68 11.30 -37.40
N PRO B 66 -11.89 11.87 -37.34
CA PRO B 66 -12.21 12.79 -36.25
C PRO B 66 -12.35 12.06 -34.93
N PHE B 67 -12.20 12.83 -33.83
CA PHE B 67 -12.26 12.24 -32.51
C PHE B 67 -13.72 11.99 -32.10
N PRO B 68 -14.03 10.82 -31.51
CA PRO B 68 -13.09 9.71 -31.27
C PRO B 68 -12.89 8.80 -32.49
N PRO B 69 -11.70 8.22 -32.62
CA PRO B 69 -11.37 7.47 -33.85
C PRO B 69 -11.86 6.05 -33.78
N PRO B 70 -11.96 5.38 -34.92
CA PRO B 70 -12.40 3.97 -34.92
C PRO B 70 -11.28 3.01 -34.51
N LEU B 71 -10.79 3.19 -33.28
CA LEU B 71 -9.70 2.35 -32.77
C LEU B 71 -10.27 1.18 -31.97
N SER B 72 -9.62 0.03 -32.08
CA SER B 72 -10.05 -1.17 -31.36
C SER B 72 -9.39 -1.16 -29.98
N TRP B 73 -10.06 -0.52 -29.03
CA TRP B 73 -9.46 -0.30 -27.71
C TRP B 73 -9.33 -1.60 -26.94
N GLU B 74 -10.18 -2.59 -27.23
CA GLU B 74 -10.12 -3.84 -26.49
C GLU B 74 -8.85 -4.61 -26.77
N ARG B 75 -8.17 -4.32 -27.89
CA ARG B 75 -6.96 -5.05 -28.25
C ARG B 75 -5.77 -4.70 -27.36
N TYR B 76 -5.85 -3.60 -26.62
CA TYR B 76 -4.72 -3.10 -25.84
C TYR B 76 -5.04 -3.17 -24.36
N ASP B 77 -4.00 -3.39 -23.56
CA ASP B 77 -4.11 -3.44 -22.11
C ASP B 77 -3.65 -2.16 -21.43
N VAL B 78 -2.74 -1.41 -22.05
CA VAL B 78 -2.23 -0.16 -21.52
C VAL B 78 -2.13 0.84 -22.65
N VAL B 79 -2.59 2.07 -22.39
CA VAL B 79 -2.41 3.20 -23.30
C VAL B 79 -1.34 4.11 -22.72
N PHE B 80 -0.40 4.53 -23.57
CA PHE B 80 0.67 5.45 -23.17
C PHE B 80 0.43 6.80 -23.84
N PRO B 81 -0.34 7.67 -23.22
CA PRO B 81 -0.55 9.00 -23.84
C PRO B 81 0.71 9.85 -23.80
N LEU B 82 1.41 9.92 -24.92
CA LEU B 82 2.65 10.68 -25.02
C LEU B 82 2.39 12.03 -25.70
N LEU B 83 1.48 12.79 -25.10
CA LEU B 83 1.10 14.11 -25.58
C LEU B 83 1.54 15.15 -24.56
N HIS B 84 1.95 16.32 -25.04
CA HIS B 84 2.48 17.39 -24.21
C HIS B 84 1.55 18.59 -24.25
N GLY B 85 1.24 19.14 -23.07
CA GLY B 85 0.48 20.38 -23.01
C GLY B 85 -1.02 20.15 -23.09
N ARG B 86 -1.73 21.18 -23.55
CA ARG B 86 -3.18 21.11 -23.67
C ARG B 86 -3.59 19.93 -24.54
N PHE B 87 -4.64 19.23 -24.10
CA PHE B 87 -5.12 18.01 -24.75
C PHE B 87 -4.05 16.92 -24.71
N GLY B 88 -3.40 16.80 -23.55
CA GLY B 88 -2.38 15.80 -23.35
C GLY B 88 -2.02 15.65 -21.88
N GLU B 89 -1.53 16.73 -21.28
CA GLU B 89 -1.15 16.74 -19.88
C GLU B 89 -2.20 17.37 -18.98
N ASP B 90 -3.35 17.77 -19.53
CA ASP B 90 -4.34 18.55 -18.80
C ASP B 90 -5.54 17.75 -18.31
N GLY B 91 -5.59 16.44 -18.57
CA GLY B 91 -6.66 15.60 -18.07
C GLY B 91 -7.77 15.31 -19.07
N THR B 92 -7.78 15.97 -20.23
CA THR B 92 -8.81 15.69 -21.23
C THR B 92 -8.65 14.28 -21.80
N VAL B 93 -7.45 13.96 -22.28
CA VAL B 93 -7.17 12.61 -22.78
C VAL B 93 -7.37 11.59 -21.68
N GLN B 94 -6.86 11.88 -20.48
CA GLN B 94 -6.96 10.94 -19.37
C GLN B 94 -8.42 10.68 -18.99
N GLY B 95 -9.28 11.69 -19.10
CA GLY B 95 -10.69 11.45 -18.86
C GLY B 95 -11.33 10.59 -19.92
N PHE B 96 -10.97 10.80 -21.19
CA PHE B 96 -11.44 9.95 -22.27
C PHE B 96 -10.98 8.52 -22.07
N LEU B 97 -9.79 8.33 -21.50
CA LEU B 97 -9.28 6.97 -21.28
C LEU B 97 -9.95 6.32 -20.08
N GLU B 98 -10.22 7.10 -19.03
CA GLU B 98 -10.94 6.58 -17.88
C GLU B 98 -12.35 6.13 -18.27
N LEU B 99 -12.99 6.87 -19.19
CA LEU B 99 -14.29 6.43 -19.69
C LEU B 99 -14.15 5.23 -20.61
N LEU B 100 -13.00 5.07 -21.27
CA LEU B 100 -12.75 3.87 -22.06
C LEU B 100 -12.50 2.66 -21.17
N GLY B 101 -12.25 2.87 -19.88
CA GLY B 101 -11.87 1.79 -19.00
C GLY B 101 -10.50 1.22 -19.26
N LYS B 102 -9.59 2.01 -19.86
CA LYS B 102 -8.26 1.50 -20.18
C LYS B 102 -7.24 1.96 -19.15
N PRO B 103 -6.44 1.06 -18.60
CA PRO B 103 -5.28 1.50 -17.81
C PRO B 103 -4.33 2.28 -18.70
N TYR B 104 -3.81 3.39 -18.17
CA TYR B 104 -2.96 4.25 -18.97
C TYR B 104 -1.77 4.73 -18.15
N VAL B 105 -0.72 5.14 -18.86
CA VAL B 105 0.52 5.61 -18.25
C VAL B 105 0.39 7.07 -17.91
N GLY B 106 0.87 7.45 -16.73
CA GLY B 106 0.94 8.84 -16.33
C GLY B 106 -0.05 9.17 -15.23
N ALA B 107 -0.18 10.46 -14.97
CA ALA B 107 -1.06 10.94 -13.92
C ALA B 107 -2.53 10.81 -14.33
N GLY B 108 -3.39 10.78 -13.34
CA GLY B 108 -4.82 10.72 -13.56
C GLY B 108 -5.38 12.04 -14.04
N VAL B 109 -6.70 12.16 -13.93
CA VAL B 109 -7.38 13.38 -14.34
C VAL B 109 -7.04 14.53 -13.39
N ALA B 110 -7.23 14.31 -12.09
CA ALA B 110 -7.03 15.40 -11.14
C ALA B 110 -5.57 15.83 -11.11
N ALA B 111 -4.64 14.88 -11.03
CA ALA B 111 -3.23 15.23 -10.97
C ALA B 111 -2.78 15.95 -12.24
N SER B 112 -3.26 15.50 -13.40
CA SER B 112 -2.85 16.15 -14.65
C SER B 112 -3.38 17.57 -14.73
N ALA B 113 -4.68 17.75 -14.44
CA ALA B 113 -5.27 19.08 -14.49
C ALA B 113 -4.64 20.02 -13.47
N LEU B 114 -4.37 19.50 -12.26
CA LEU B 114 -3.80 20.35 -11.22
C LEU B 114 -2.37 20.75 -11.56
N CYS B 115 -1.52 19.77 -11.94
CA CYS B 115 -0.15 20.10 -12.29
C CYS B 115 -0.11 21.01 -13.51
N MET B 116 -1.15 20.97 -14.35
CA MET B 116 -1.20 21.83 -15.51
C MET B 116 -1.48 23.29 -15.13
N ASP B 117 -2.27 23.50 -14.08
CA ASP B 117 -2.63 24.85 -13.66
C ASP B 117 -1.52 25.40 -12.77
N LYS B 118 -0.79 26.39 -13.31
CA LYS B 118 0.32 26.98 -12.55
C LYS B 118 -0.16 27.72 -11.32
N ASP B 119 -1.43 28.10 -11.27
CA ASP B 119 -1.98 28.80 -10.11
C ASP B 119 -2.48 27.84 -9.04
N LEU B 120 -3.34 26.89 -9.43
CA LEU B 120 -3.92 25.98 -8.45
C LEU B 120 -2.89 25.02 -7.89
N SER B 121 -1.89 24.64 -8.70
CA SER B 121 -0.83 23.75 -8.20
C SER B 121 -0.01 24.45 -7.12
N LYS B 122 0.32 25.72 -7.32
CA LYS B 122 1.06 26.47 -6.31
C LYS B 122 0.28 26.61 -5.01
N ARG B 123 -1.03 26.84 -5.09
CA ARG B 123 -1.84 26.94 -3.87
C ARG B 123 -1.79 25.65 -3.08
N VAL B 124 -1.89 24.51 -3.77
CA VAL B 124 -1.84 23.22 -3.08
C VAL B 124 -0.47 23.03 -2.42
N LEU B 125 0.59 23.31 -3.19
CA LEU B 125 1.94 23.11 -2.67
C LEU B 125 2.25 24.07 -1.54
N ALA B 126 1.93 25.36 -1.72
CA ALA B 126 2.17 26.34 -0.66
C ALA B 126 1.41 25.99 0.61
N GLN B 127 0.23 25.39 0.49
CA GLN B 127 -0.52 24.97 1.67
C GLN B 127 0.13 23.76 2.34
N ALA B 128 0.78 22.89 1.56
CA ALA B 128 1.45 21.71 2.09
C ALA B 128 2.88 21.99 2.55
N GLY B 129 3.26 23.26 2.66
CA GLY B 129 4.58 23.63 3.12
C GLY B 129 5.65 23.67 2.05
N VAL B 130 5.36 23.19 0.84
CA VAL B 130 6.36 23.19 -0.22
C VAL B 130 6.62 24.64 -0.66
N PRO B 131 7.87 25.11 -0.68
CA PRO B 131 8.12 26.48 -1.10
C PRO B 131 7.94 26.65 -2.60
N VAL B 132 7.31 27.75 -3.00
CA VAL B 132 7.10 28.06 -4.42
C VAL B 132 7.42 29.53 -4.64
N VAL B 133 7.59 29.87 -5.92
CA VAL B 133 7.89 31.25 -6.30
C VAL B 133 6.72 32.16 -5.93
N PRO B 134 6.96 33.37 -5.42
CA PRO B 134 5.84 34.29 -5.18
C PRO B 134 5.03 34.51 -6.46
N TRP B 135 3.71 34.47 -6.34
CA TRP B 135 2.85 34.53 -7.50
C TRP B 135 1.48 35.07 -7.10
N VAL B 136 0.79 35.62 -8.10
CA VAL B 136 -0.59 36.08 -7.97
C VAL B 136 -1.34 35.69 -9.24
N ALA B 137 -2.57 35.24 -9.09
CA ALA B 137 -3.42 34.93 -10.22
C ALA B 137 -4.13 36.18 -10.70
N VAL B 138 -4.25 36.33 -12.02
CA VAL B 138 -5.00 37.40 -12.65
C VAL B 138 -6.03 36.76 -13.58
N ARG B 139 -7.30 37.09 -13.38
CA ARG B 139 -8.37 36.56 -14.19
C ARG B 139 -8.84 37.63 -15.18
N LYS B 140 -9.16 37.20 -16.39
CA LYS B 140 -9.50 38.15 -17.46
C LYS B 140 -10.68 39.02 -17.04
N GLY B 141 -10.56 40.31 -17.32
CA GLY B 141 -11.54 41.30 -16.92
C GLY B 141 -11.31 41.88 -15.54
N GLU B 142 -10.43 41.29 -14.75
CA GLU B 142 -10.16 41.75 -13.39
C GLU B 142 -8.77 42.36 -13.37
N PRO B 143 -8.64 43.66 -13.18
CA PRO B 143 -7.32 44.27 -13.17
C PRO B 143 -6.49 43.74 -12.03
N PRO B 144 -5.19 43.59 -12.21
CA PRO B 144 -4.35 42.84 -11.28
C PRO B 144 -3.86 43.66 -10.09
N VAL B 145 -3.62 42.94 -8.99
CA VAL B 145 -2.98 43.49 -7.81
C VAL B 145 -1.72 42.68 -7.57
N VAL B 146 -0.58 43.22 -7.99
CA VAL B 146 0.71 42.54 -7.88
C VAL B 146 1.45 43.14 -6.72
N PRO B 147 1.59 42.44 -5.57
CA PRO B 147 2.21 43.01 -4.38
C PRO B 147 3.73 42.99 -4.37
N PHE B 148 4.38 42.61 -5.48
CA PHE B 148 5.83 42.60 -5.56
C PHE B 148 6.28 43.35 -6.80
N ASP B 149 7.60 43.62 -6.84
CA ASP B 149 8.19 44.47 -7.87
C ASP B 149 8.68 43.64 -9.05
N PRO B 150 8.84 44.27 -10.21
CA PRO B 150 9.44 43.58 -11.35
C PRO B 150 10.86 43.16 -11.05
N PRO B 151 11.45 42.25 -11.85
CA PRO B 151 10.89 41.58 -13.03
C PRO B 151 9.84 40.51 -12.71
N PHE B 152 8.80 40.42 -13.55
CA PHE B 152 7.79 39.37 -13.45
C PHE B 152 7.92 38.39 -14.61
N PHE B 153 7.34 37.22 -14.41
CA PHE B 153 6.98 36.30 -15.48
C PHE B 153 5.45 36.27 -15.54
N VAL B 154 4.90 36.63 -16.69
CA VAL B 154 3.45 36.61 -16.92
C VAL B 154 3.16 35.40 -17.81
N LYS B 155 2.29 34.52 -17.33
CA LYS B 155 2.05 33.25 -18.01
C LYS B 155 0.57 32.94 -18.03
N PRO B 156 0.09 32.26 -19.07
CA PRO B 156 -1.23 31.63 -18.98
C PRO B 156 -1.17 30.43 -18.06
N ALA B 157 -2.19 30.31 -17.20
CA ALA B 157 -2.15 29.33 -16.11
C ALA B 157 -2.25 27.90 -16.61
N ASN B 158 -2.91 27.66 -17.76
CA ASN B 158 -3.19 26.30 -18.22
C ASN B 158 -2.77 26.05 -19.66
N THR B 159 -1.90 26.88 -20.24
CA THR B 159 -1.53 26.69 -21.63
C THR B 159 -0.33 25.75 -21.80
N GLY B 160 0.72 25.94 -21.00
CA GLY B 160 1.94 25.19 -21.18
C GLY B 160 2.63 25.52 -22.49
N SER B 161 3.67 24.76 -22.80
CA SER B 161 4.45 24.93 -24.03
C SER B 161 5.08 26.32 -24.15
N SER B 162 5.10 27.07 -23.06
CA SER B 162 5.78 28.37 -22.95
C SER B 162 5.23 29.42 -23.90
N VAL B 163 4.13 29.15 -24.60
CA VAL B 163 3.53 30.14 -25.48
C VAL B 163 2.77 31.17 -24.64
N GLY B 164 2.85 32.44 -25.05
CA GLY B 164 2.16 33.49 -24.35
C GLY B 164 2.78 33.93 -23.04
N ILE B 165 4.00 33.52 -22.75
CA ILE B 165 4.70 33.92 -21.54
C ILE B 165 5.50 35.17 -21.82
N SER B 166 5.51 36.09 -20.86
CA SER B 166 6.22 37.36 -20.99
C SER B 166 7.09 37.60 -19.78
N ARG B 167 8.38 37.86 -20.01
CA ARG B 167 9.25 38.36 -18.96
C ARG B 167 9.07 39.87 -18.90
N VAL B 168 8.51 40.37 -17.80
CA VAL B 168 8.09 41.75 -17.68
C VAL B 168 9.09 42.49 -16.79
N GLU B 169 9.74 43.51 -17.35
CA GLU B 169 10.74 44.27 -16.63
C GLU B 169 10.20 45.55 -16.00
N ARG B 170 9.10 46.09 -16.54
CA ARG B 170 8.52 47.35 -16.08
C ARG B 170 7.05 47.14 -15.79
N PHE B 171 6.59 47.71 -14.68
CA PHE B 171 5.20 47.54 -14.26
C PHE B 171 4.22 48.00 -15.35
N GLN B 172 4.61 49.02 -16.11
CA GLN B 172 3.73 49.51 -17.17
C GLN B 172 3.57 48.49 -18.30
N ASP B 173 4.51 47.56 -18.44
CA ASP B 173 4.40 46.50 -19.44
C ASP B 173 3.48 45.37 -19.01
N LEU B 174 2.93 45.43 -17.79
CA LEU B 174 2.13 44.32 -17.27
C LEU B 174 0.83 44.16 -18.03
N GLU B 175 0.15 45.27 -18.35
CA GLU B 175 -1.14 45.19 -19.02
C GLU B 175 -1.00 44.51 -20.39
N ALA B 176 0.06 44.83 -21.12
CA ALA B 176 0.26 44.20 -22.42
C ALA B 176 0.63 42.72 -22.26
N ALA B 177 1.32 42.37 -21.18
CA ALA B 177 1.66 40.97 -20.97
C ALA B 177 0.42 40.15 -20.62
N LEU B 178 -0.48 40.71 -19.81
CA LEU B 178 -1.72 40.01 -19.49
C LEU B 178 -2.62 39.87 -20.71
N ALA B 179 -2.64 40.88 -21.58
CA ALA B 179 -3.40 40.78 -22.82
C ALA B 179 -2.91 39.63 -23.68
N LEU B 180 -1.58 39.49 -23.82
CA LEU B 180 -1.02 38.40 -24.59
C LEU B 180 -1.38 37.05 -23.98
N ALA B 181 -1.34 36.96 -22.64
CA ALA B 181 -1.65 35.70 -21.98
C ALA B 181 -3.12 35.36 -22.12
N PHE B 182 -4.00 36.35 -21.98
CA PHE B 182 -5.44 36.12 -22.05
C PHE B 182 -5.90 35.68 -23.43
N ARG B 183 -5.06 35.79 -24.45
CA ARG B 183 -5.37 35.21 -25.76
C ARG B 183 -5.30 33.69 -25.75
N TYR B 184 -4.71 33.08 -24.71
CA TYR B 184 -4.56 31.64 -24.62
C TYR B 184 -5.29 31.01 -23.44
N ASP B 185 -5.64 31.79 -22.42
CA ASP B 185 -6.28 31.25 -21.23
C ASP B 185 -7.13 32.34 -20.58
N GLU B 186 -8.12 31.91 -19.80
CA GLU B 186 -8.96 32.85 -19.06
C GLU B 186 -8.32 33.31 -17.76
N LYS B 187 -7.29 32.60 -17.28
CA LYS B 187 -6.59 32.94 -16.05
C LYS B 187 -5.09 33.02 -16.33
N ALA B 188 -4.44 34.00 -15.71
CA ALA B 188 -3.01 34.21 -15.84
C ALA B 188 -2.35 34.22 -14.47
N VAL B 189 -1.05 33.93 -14.45
CA VAL B 189 -0.25 34.01 -13.24
C VAL B 189 0.87 35.04 -13.45
N VAL B 190 1.23 35.71 -12.37
CA VAL B 190 2.34 36.66 -12.37
C VAL B 190 3.34 36.17 -11.34
N GLU B 191 4.46 35.63 -11.81
CA GLU B 191 5.50 35.08 -10.95
C GLU B 191 6.63 36.06 -10.77
N LYS B 192 7.13 36.16 -9.54
CA LYS B 192 8.34 36.92 -9.28
C LYS B 192 9.52 36.28 -9.99
N ALA B 193 10.13 37.01 -10.92
CA ALA B 193 11.25 36.46 -11.67
C ALA B 193 12.48 36.41 -10.77
N LEU B 194 13.02 35.21 -10.58
CA LEU B 194 14.25 35.06 -9.80
C LEU B 194 15.46 35.29 -10.70
N SER B 195 16.35 36.17 -10.26
CA SER B 195 17.51 36.54 -11.06
C SER B 195 18.62 37.08 -10.17
N PRO B 196 19.80 36.43 -10.13
CA PRO B 196 20.13 35.23 -10.90
C PRO B 196 19.51 33.96 -10.30
N VAL B 197 19.45 32.88 -11.09
CA VAL B 197 18.76 31.68 -10.66
C VAL B 197 19.38 30.48 -11.38
N ARG B 198 19.40 29.34 -10.70
CA ARG B 198 19.78 28.07 -11.29
C ARG B 198 18.53 27.21 -11.47
N GLU B 199 18.46 26.47 -12.57
CA GLU B 199 17.33 25.60 -12.87
C GLU B 199 17.72 24.16 -12.58
N LEU B 200 17.03 23.56 -11.61
CA LEU B 200 17.24 22.17 -11.22
C LEU B 200 16.01 21.35 -11.60
N GLU B 201 16.24 20.12 -12.07
CA GLU B 201 15.19 19.20 -12.47
C GLU B 201 15.47 17.84 -11.88
N VAL B 202 14.42 17.18 -11.40
CA VAL B 202 14.52 15.84 -10.82
C VAL B 202 13.33 15.02 -11.30
N GLY B 203 13.56 13.73 -11.55
CA GLY B 203 12.51 12.85 -12.00
C GLY B 203 11.94 12.02 -10.86
N VAL B 204 10.64 11.73 -10.94
CA VAL B 204 9.97 10.86 -9.98
C VAL B 204 9.39 9.68 -10.74
N LEU B 205 9.36 8.52 -10.08
CA LEU B 205 8.85 7.30 -10.70
C LEU B 205 8.07 6.52 -9.65
N GLY B 206 6.81 6.20 -9.95
CA GLY B 206 5.98 5.51 -8.97
C GLY B 206 4.59 6.08 -8.87
N ASN B 207 3.67 5.35 -8.25
CA ASN B 207 2.30 5.80 -8.06
C ASN B 207 2.18 6.42 -6.67
N VAL B 208 1.94 7.73 -6.64
CA VAL B 208 1.81 8.51 -5.41
C VAL B 208 3.12 8.49 -4.64
N PHE B 209 3.47 7.34 -4.07
CA PHE B 209 4.73 7.18 -3.32
C PHE B 209 5.82 6.82 -4.32
N GLY B 210 6.58 7.82 -4.76
CA GLY B 210 7.58 7.63 -5.79
C GLY B 210 9.00 7.61 -5.26
N GLU B 211 9.92 7.25 -6.14
CA GLU B 211 11.34 7.31 -5.89
C GLU B 211 11.96 8.38 -6.78
N ALA B 212 12.85 9.19 -6.21
CA ALA B 212 13.43 10.32 -6.92
C ALA B 212 14.69 9.90 -7.67
N SER B 213 14.89 10.51 -8.83
CA SER B 213 16.10 10.31 -9.61
C SER B 213 17.21 11.19 -9.06
N PRO B 214 18.45 11.04 -9.56
CA PRO B 214 19.46 12.06 -9.28
C PRO B 214 19.02 13.43 -9.75
N VAL B 215 19.57 14.49 -9.18
CA VAL B 215 19.20 15.84 -9.55
C VAL B 215 20.01 16.26 -10.77
N GLY B 216 19.33 16.86 -11.75
CA GLY B 216 19.99 17.45 -12.89
C GLY B 216 19.97 18.97 -12.80
N GLU B 217 20.76 19.59 -13.67
CA GLU B 217 20.78 21.05 -13.76
C GLU B 217 20.90 21.45 -15.22
N VAL B 218 20.16 22.49 -15.60
CA VAL B 218 20.11 22.99 -16.96
C VAL B 218 20.93 24.28 -17.02
N ARG B 219 21.97 24.28 -17.84
CA ARG B 219 22.78 25.48 -18.07
C ARG B 219 22.84 25.84 -19.56
N GLU B 237 23.31 22.81 -21.85
CA GLU B 237 23.64 21.44 -21.50
C GLU B 237 23.00 21.01 -20.18
N LEU B 238 23.00 19.71 -19.91
CA LEU B 238 22.40 19.14 -18.72
C LEU B 238 23.49 18.48 -17.88
N LEU B 239 23.64 18.94 -16.64
CA LEU B 239 24.65 18.42 -15.72
C LEU B 239 24.01 17.37 -14.82
N ILE B 240 24.32 16.11 -15.09
CA ILE B 240 23.80 15.01 -14.27
C ILE B 240 24.98 14.24 -13.70
N PRO B 241 25.20 14.26 -12.37
CA PRO B 241 24.35 14.96 -11.40
C PRO B 241 24.67 16.45 -11.31
N ALA B 242 23.72 17.22 -10.77
CA ALA B 242 23.92 18.65 -10.66
C ALA B 242 25.00 18.93 -9.60
N PRO B 243 25.78 19.99 -9.77
CA PRO B 243 26.73 20.39 -8.70
C PRO B 243 26.04 21.18 -7.59
N LEU B 244 25.40 20.45 -6.68
CA LEU B 244 24.74 21.02 -5.51
C LEU B 244 25.43 20.53 -4.25
N ASP B 245 25.34 21.33 -3.18
CA ASP B 245 25.84 20.87 -1.91
C ASP B 245 24.92 19.77 -1.38
N PRO B 246 25.46 18.80 -0.65
CA PRO B 246 24.66 17.60 -0.32
C PRO B 246 23.35 17.90 0.41
N GLY B 247 23.25 19.00 1.17
CA GLY B 247 21.98 19.32 1.81
C GLY B 247 20.93 19.81 0.83
N THR B 248 21.35 20.63 -0.14
CA THR B 248 20.43 21.08 -1.18
C THR B 248 19.91 19.91 -2.00
N GLN B 249 20.77 18.93 -2.30
CA GLN B 249 20.36 17.80 -3.12
C GLN B 249 19.26 16.98 -2.44
N GLU B 250 19.45 16.68 -1.15
CA GLU B 250 18.44 15.91 -0.43
C GLU B 250 17.12 16.67 -0.35
N THR B 251 17.18 17.99 -0.12
CA THR B 251 15.96 18.78 -0.01
C THR B 251 15.22 18.85 -1.34
N VAL B 252 15.94 18.86 -2.47
CA VAL B 252 15.29 18.84 -3.77
C VAL B 252 14.52 17.54 -3.96
N GLN B 253 15.18 16.40 -3.71
CA GLN B 253 14.51 15.11 -3.84
C GLN B 253 13.38 14.97 -2.83
N GLU B 254 13.53 15.55 -1.63
CA GLU B 254 12.48 15.47 -0.63
C GLU B 254 11.25 16.27 -1.06
N LEU B 255 11.47 17.50 -1.52
CA LEU B 255 10.36 18.34 -1.95
C LEU B 255 9.65 17.78 -3.18
N ALA B 256 10.40 17.13 -4.08
CA ALA B 256 9.77 16.53 -5.25
C ALA B 256 8.83 15.41 -4.85
N LEU B 257 9.30 14.50 -4.00
CA LEU B 257 8.48 13.38 -3.55
C LEU B 257 7.28 13.86 -2.72
N LYS B 258 7.44 14.94 -1.96
CA LYS B 258 6.33 15.44 -1.16
C LYS B 258 5.25 16.04 -2.05
N ALA B 259 5.64 16.91 -2.98
CA ALA B 259 4.68 17.46 -3.93
C ALA B 259 4.03 16.35 -4.75
N TYR B 260 4.85 15.43 -5.26
CA TYR B 260 4.34 14.26 -5.98
C TYR B 260 3.29 13.53 -5.16
N LYS B 261 3.52 13.40 -3.86
CA LYS B 261 2.59 12.68 -2.98
C LYS B 261 1.32 13.50 -2.75
N VAL B 262 1.47 14.75 -2.36
CA VAL B 262 0.32 15.59 -2.05
C VAL B 262 -0.58 15.71 -3.27
N LEU B 263 0.02 15.95 -4.43
CA LEU B 263 -0.76 16.09 -5.65
C LEU B 263 -1.30 14.75 -6.13
N GLY B 264 -0.79 13.64 -5.60
CA GLY B 264 -1.21 12.32 -6.01
C GLY B 264 -0.87 11.96 -7.43
N VAL B 265 0.34 12.31 -7.89
CA VAL B 265 0.74 11.95 -9.24
C VAL B 265 0.96 10.44 -9.34
N ARG B 266 0.60 9.87 -10.48
CA ARG B 266 0.83 8.47 -10.76
C ARG B 266 1.74 8.33 -11.97
N GLY B 267 2.51 7.24 -12.00
CA GLY B 267 3.40 6.97 -13.10
C GLY B 267 4.73 7.69 -13.02
N MET B 268 4.74 8.99 -13.33
CA MET B 268 5.98 9.73 -13.46
C MET B 268 5.70 11.22 -13.36
N ALA B 269 6.77 11.98 -13.17
CA ALA B 269 6.76 13.44 -13.22
C ALA B 269 8.19 13.94 -13.21
N ARG B 270 8.43 15.03 -13.95
CA ARG B 270 9.67 15.79 -13.86
C ARG B 270 9.37 17.07 -13.09
N VAL B 271 10.02 17.23 -11.94
CA VAL B 271 9.71 18.31 -11.01
C VAL B 271 10.81 19.35 -11.12
N ASP B 272 10.49 20.48 -11.75
CA ASP B 272 11.45 21.55 -11.97
C ASP B 272 11.49 22.48 -10.76
N PHE B 273 12.70 22.84 -10.33
CA PHE B 273 12.91 23.77 -9.24
C PHE B 273 13.76 24.95 -9.69
N PHE B 274 13.65 26.04 -8.96
CA PHE B 274 14.57 27.17 -9.05
C PHE B 274 15.42 27.22 -7.78
N LEU B 275 16.69 27.57 -7.93
CA LEU B 275 17.59 27.77 -6.80
C LEU B 275 18.15 29.18 -6.90
N ALA B 276 17.81 30.03 -5.93
CA ALA B 276 18.21 31.43 -5.96
C ALA B 276 18.58 31.86 -4.55
N GLU B 277 19.83 32.28 -4.38
CA GLU B 277 20.34 32.76 -3.09
C GLU B 277 20.21 31.68 -2.02
N GLY B 278 20.54 30.44 -2.36
CA GLY B 278 20.45 29.35 -1.44
C GLY B 278 19.04 28.90 -1.10
N GLU B 279 18.02 29.49 -1.71
CA GLU B 279 16.64 29.11 -1.48
C GLU B 279 16.10 28.34 -2.67
N LEU B 280 15.39 27.26 -2.38
CA LEU B 280 14.73 26.43 -3.39
C LEU B 280 13.30 26.91 -3.61
N TYR B 281 12.83 26.77 -4.84
CA TYR B 281 11.45 27.09 -5.21
C TYR B 281 10.98 26.09 -6.24
N LEU B 282 9.97 25.29 -5.90
CA LEU B 282 9.37 24.41 -6.89
C LEU B 282 8.69 25.25 -7.96
N ASN B 283 9.05 25.00 -9.21
CA ASN B 283 8.52 25.76 -10.33
C ASN B 283 7.31 25.08 -10.96
N GLU B 284 7.44 23.79 -11.29
CA GLU B 284 6.43 23.16 -12.12
C GLU B 284 6.64 21.65 -12.10
N LEU B 285 5.53 20.91 -12.06
CA LEU B 285 5.55 19.47 -12.25
C LEU B 285 5.08 19.14 -13.66
N ASN B 286 5.89 18.37 -14.38
CA ASN B 286 5.59 17.96 -15.75
C ASN B 286 5.24 16.49 -15.76
N THR B 287 3.97 16.17 -16.07
CA THR B 287 3.51 14.79 -16.02
C THR B 287 3.89 14.01 -17.27
N ILE B 288 3.99 14.67 -18.42
CA ILE B 288 4.48 14.01 -19.64
C ILE B 288 5.75 14.74 -20.08
N PRO B 289 6.90 14.43 -19.49
CA PRO B 289 8.14 15.09 -19.90
C PRO B 289 8.60 14.62 -21.27
N GLY B 290 9.64 15.26 -21.79
CA GLY B 290 10.25 14.76 -23.02
C GLY B 290 10.77 13.34 -22.82
N PHE B 291 10.64 12.52 -23.87
CA PHE B 291 11.02 11.12 -23.75
C PHE B 291 11.92 10.65 -24.89
N THR B 292 12.53 11.57 -25.62
CA THR B 292 13.63 11.19 -26.48
C THR B 292 14.74 10.60 -25.61
N PRO B 293 15.50 9.63 -26.12
CA PRO B 293 16.58 9.04 -25.31
C PRO B 293 17.60 10.05 -24.81
N THR B 294 17.47 11.30 -25.26
CA THR B 294 18.34 12.39 -24.85
C THR B 294 17.63 13.44 -23.99
N SER B 295 16.31 13.29 -23.78
CA SER B 295 15.58 14.24 -22.95
C SER B 295 16.03 14.12 -21.49
N MET B 296 15.58 15.07 -20.67
CA MET B 296 16.09 15.16 -19.32
C MET B 296 15.54 14.06 -18.41
N TYR B 297 14.25 13.77 -18.49
CA TYR B 297 13.66 12.78 -17.59
C TYR B 297 14.29 11.39 -17.74
N PRO B 298 14.38 10.80 -18.94
CA PRO B 298 14.96 9.44 -19.02
C PRO B 298 16.45 9.42 -18.68
N ARG B 299 17.20 10.46 -19.05
CA ARG B 299 18.61 10.51 -18.70
C ARG B 299 18.83 10.65 -17.20
N LEU B 300 17.92 11.33 -16.49
CA LEU B 300 18.05 11.43 -15.04
C LEU B 300 17.97 10.07 -14.38
N PHE B 301 17.05 9.21 -14.84
CA PHE B 301 16.94 7.87 -14.29
C PHE B 301 17.98 6.91 -14.87
N GLU B 302 18.62 7.27 -15.99
CA GLU B 302 19.79 6.52 -16.43
C GLU B 302 20.89 6.60 -15.38
N ALA B 303 21.29 7.83 -15.03
CA ALA B 303 22.30 8.02 -14.00
C ALA B 303 21.88 7.42 -12.66
N GLY B 304 20.59 7.19 -12.46
CA GLY B 304 20.10 6.53 -11.27
C GLY B 304 20.11 5.02 -11.33
N GLY B 305 20.55 4.45 -12.44
CA GLY B 305 20.63 3.02 -12.60
C GLY B 305 19.41 2.37 -13.19
N VAL B 306 18.48 3.14 -13.77
CA VAL B 306 17.31 2.61 -14.43
C VAL B 306 17.52 2.80 -15.93
N ALA B 307 17.75 1.70 -16.64
CA ALA B 307 17.94 1.75 -18.08
C ALA B 307 16.67 2.26 -18.77
N TYR B 308 16.86 2.97 -19.87
CA TYR B 308 15.73 3.47 -20.67
C TYR B 308 14.67 2.42 -20.97
N PRO B 309 15.00 1.20 -21.45
CA PRO B 309 13.94 0.20 -21.59
C PRO B 309 13.32 -0.21 -20.27
N GLU B 310 14.12 -0.33 -19.21
CA GLU B 310 13.57 -0.68 -17.91
C GLU B 310 12.67 0.43 -17.38
N LEU B 311 13.03 1.69 -17.65
CA LEU B 311 12.13 2.79 -17.30
C LEU B 311 10.76 2.61 -17.93
N LEU B 312 10.73 2.16 -19.19
CA LEU B 312 9.47 2.00 -19.89
C LEU B 312 8.66 0.82 -19.35
N ARG B 313 9.33 -0.26 -18.95
CA ARG B 313 8.63 -1.37 -18.34
C ARG B 313 7.99 -0.94 -17.02
N ARG B 314 8.71 -0.13 -16.23
CA ARG B 314 8.18 0.34 -14.96
C ARG B 314 6.97 1.24 -15.19
N LEU B 315 6.99 2.02 -16.27
CA LEU B 315 5.87 2.89 -16.58
C LEU B 315 4.62 2.10 -16.95
N VAL B 316 4.78 1.06 -17.77
CA VAL B 316 3.63 0.24 -18.15
C VAL B 316 3.13 -0.56 -16.97
N GLU B 317 4.05 -1.11 -16.16
CA GLU B 317 3.64 -1.96 -15.04
C GLU B 317 2.91 -1.14 -13.98
N LEU B 318 3.32 0.10 -13.77
CA LEU B 318 2.65 0.96 -12.79
C LEU B 318 1.23 1.32 -13.22
N ALA B 319 0.98 1.38 -14.53
CA ALA B 319 -0.37 1.68 -15.02
C ALA B 319 -1.34 0.57 -14.63
N LEU B 320 -0.91 -0.67 -14.68
CA LEU B 320 -1.70 -1.85 -14.32
C LEU B 320 -1.91 -1.99 -12.81
N THR B 321 -1.43 -1.04 -12.03
CA THR B 321 -1.63 -1.05 -10.58
C THR B 321 -2.27 0.25 -10.11
N GLU C 2 29.35 -41.64 1.41
CA GLU C 2 29.42 -40.62 0.37
C GLU C 2 28.49 -39.44 0.66
N MET C 3 29.00 -38.46 1.40
CA MET C 3 28.23 -37.30 1.83
C MET C 3 28.56 -36.11 0.95
N ARG C 4 27.58 -35.23 0.75
CA ARG C 4 27.82 -33.96 0.09
C ARG C 4 26.99 -32.88 0.76
N VAL C 5 27.63 -31.77 1.09
CA VAL C 5 27.02 -30.62 1.74
C VAL C 5 26.90 -29.49 0.73
N LEU C 6 25.82 -28.73 0.82
CA LEU C 6 25.67 -27.48 0.07
C LEU C 6 25.87 -26.32 1.04
N LEU C 7 26.89 -25.51 0.79
CA LEU C 7 27.16 -24.33 1.59
C LEU C 7 26.60 -23.11 0.87
N ILE C 8 25.77 -22.33 1.55
CA ILE C 8 25.18 -21.11 1.02
C ILE C 8 25.70 -19.94 1.83
N ALA C 9 26.21 -18.92 1.15
CA ALA C 9 26.78 -17.76 1.80
C ALA C 9 26.50 -16.50 1.00
N GLY C 10 26.86 -15.36 1.56
CA GLY C 10 26.57 -14.07 0.95
C GLY C 10 25.31 -13.45 1.51
N GLY C 11 24.24 -13.46 0.72
CA GLY C 11 22.97 -12.92 1.16
C GLY C 11 22.82 -11.44 0.83
N VAL C 12 21.59 -10.96 0.96
CA VAL C 12 21.28 -9.57 0.68
C VAL C 12 21.49 -8.65 1.88
N SER C 13 21.60 -9.20 3.09
CA SER C 13 21.74 -8.37 4.27
C SER C 13 23.07 -7.62 4.24
N PRO C 14 23.20 -6.56 5.04
CA PRO C 14 24.49 -5.83 5.09
C PRO C 14 25.66 -6.69 5.53
N GLU C 15 25.40 -7.85 6.13
CA GLU C 15 26.46 -8.76 6.56
C GLU C 15 26.94 -9.67 5.44
N HIS C 16 26.63 -9.32 4.19
CA HIS C 16 27.02 -10.13 3.04
C HIS C 16 28.52 -10.42 3.06
N GLU C 17 29.34 -9.39 3.29
CA GLU C 17 30.78 -9.57 3.26
C GLU C 17 31.25 -10.49 4.39
N VAL C 18 30.65 -10.37 5.57
CA VAL C 18 31.02 -11.23 6.69
C VAL C 18 30.66 -12.68 6.40
N SER C 19 29.56 -12.92 5.69
CA SER C 19 29.14 -14.29 5.41
C SER C 19 30.17 -15.02 4.54
N LEU C 20 30.62 -14.37 3.46
CA LEU C 20 31.60 -15.00 2.57
C LEU C 20 32.91 -15.26 3.32
N LEU C 21 33.30 -14.36 4.22
CA LEU C 21 34.46 -14.60 5.06
C LEU C 21 34.28 -15.85 5.90
N SER C 22 33.05 -16.08 6.40
CA SER C 22 32.77 -17.30 7.15
C SER C 22 32.76 -18.51 6.24
N ALA C 23 32.25 -18.37 5.01
CA ALA C 23 32.26 -19.48 4.07
C ALA C 23 33.67 -19.94 3.75
N GLU C 24 34.60 -18.99 3.60
CA GLU C 24 35.98 -19.36 3.35
C GLU C 24 36.56 -20.14 4.51
N GLY C 25 36.21 -19.75 5.73
CA GLY C 25 36.65 -20.52 6.89
C GLY C 25 36.05 -21.91 6.93
N VAL C 26 34.76 -22.02 6.60
CA VAL C 26 34.10 -23.32 6.60
C VAL C 26 34.62 -24.18 5.46
N LEU C 27 34.79 -23.61 4.26
CA LEU C 27 35.24 -24.39 3.12
C LEU C 27 36.62 -24.98 3.33
N ARG C 28 37.48 -24.29 4.10
CA ARG C 28 38.84 -24.73 4.28
C ARG C 28 38.99 -25.91 5.22
N HIS C 29 37.97 -26.19 6.06
CA HIS C 29 38.12 -27.20 7.10
C HIS C 29 36.97 -28.18 7.24
N ILE C 30 35.89 -28.03 6.47
CA ILE C 30 34.74 -28.92 6.66
C ILE C 30 35.11 -30.32 6.15
N PRO C 31 34.87 -31.37 6.94
CA PRO C 31 35.29 -32.72 6.52
C PRO C 31 34.26 -33.43 5.65
N PHE C 32 33.68 -32.71 4.69
CA PHE C 32 32.72 -33.28 3.77
C PHE C 32 32.91 -32.65 2.39
N PRO C 33 32.72 -33.43 1.32
CA PRO C 33 32.62 -32.83 -0.01
C PRO C 33 31.55 -31.74 -0.02
N THR C 34 31.95 -30.50 -0.30
CA THR C 34 31.08 -29.36 -0.09
C THR C 34 31.12 -28.45 -1.31
N ASP C 35 29.97 -28.19 -1.89
CA ASP C 35 29.82 -27.17 -2.92
C ASP C 35 29.38 -25.86 -2.29
N LEU C 36 29.71 -24.76 -2.94
CA LEU C 36 29.38 -23.43 -2.43
C LEU C 36 28.37 -22.76 -3.35
N ALA C 37 27.24 -22.35 -2.78
CA ALA C 37 26.32 -21.44 -3.45
C ALA C 37 26.44 -20.06 -2.82
N VAL C 38 26.35 -19.02 -3.64
CA VAL C 38 26.48 -17.66 -3.18
C VAL C 38 25.22 -16.89 -3.56
N ILE C 39 24.56 -16.29 -2.57
CA ILE C 39 23.47 -15.35 -2.83
C ILE C 39 24.08 -13.96 -2.92
N ALA C 40 23.85 -13.30 -4.05
CA ALA C 40 24.39 -11.96 -4.23
C ALA C 40 23.51 -10.93 -3.54
N GLN C 41 24.00 -9.70 -3.47
CA GLN C 41 23.26 -8.64 -2.80
C GLN C 41 22.00 -8.25 -3.56
N ASP C 42 21.92 -8.54 -4.85
CA ASP C 42 20.68 -8.32 -5.60
C ASP C 42 19.71 -9.48 -5.47
N GLY C 43 20.03 -10.49 -4.66
CA GLY C 43 19.18 -11.64 -4.45
C GLY C 43 19.41 -12.79 -5.41
N ARG C 44 20.00 -12.52 -6.58
CA ARG C 44 20.22 -13.58 -7.54
C ARG C 44 21.41 -14.43 -7.13
N TRP C 45 21.34 -15.72 -7.46
CA TRP C 45 22.31 -16.70 -6.99
C TRP C 45 23.46 -16.85 -7.98
N LEU C 46 24.63 -17.19 -7.43
CA LEU C 46 25.80 -17.60 -8.20
C LEU C 46 26.14 -19.04 -7.86
N LEU C 47 26.45 -19.83 -8.88
CA LEU C 47 26.66 -21.26 -8.72
C LEU C 47 27.97 -21.68 -9.36
N GLY C 48 28.44 -22.86 -8.97
CA GLY C 48 29.60 -23.45 -9.60
C GLY C 48 30.85 -22.59 -9.44
N GLU C 49 31.55 -22.38 -10.55
CA GLU C 49 32.81 -21.63 -10.50
C GLU C 49 32.57 -20.16 -10.23
N LYS C 50 31.38 -19.64 -10.55
CA LYS C 50 31.09 -18.24 -10.31
C LYS C 50 31.00 -17.94 -8.82
N ALA C 51 30.45 -18.88 -8.04
CA ALA C 51 30.36 -18.67 -6.60
C ALA C 51 31.74 -18.64 -5.96
N LEU C 52 32.66 -19.45 -6.48
CA LEU C 52 34.04 -19.39 -5.99
C LEU C 52 34.71 -18.09 -6.40
N THR C 53 34.48 -17.64 -7.63
CA THR C 53 35.02 -16.36 -8.07
C THR C 53 34.49 -15.22 -7.20
N ALA C 54 33.22 -15.29 -6.82
CA ALA C 54 32.66 -14.28 -5.92
C ALA C 54 33.29 -14.36 -4.54
N LEU C 55 33.62 -15.57 -4.08
CA LEU C 55 34.25 -15.73 -2.78
C LEU C 55 35.61 -15.05 -2.71
N GLU C 56 36.32 -14.96 -3.84
CA GLU C 56 37.64 -14.33 -3.83
C GLU C 56 37.54 -12.81 -3.86
N ALA C 57 36.56 -12.27 -4.61
CA ALA C 57 36.29 -10.84 -4.54
C ALA C 57 35.76 -10.41 -3.18
N LYS C 58 35.43 -11.36 -2.31
CA LYS C 58 34.91 -11.10 -0.97
C LYS C 58 33.66 -10.23 -0.98
N ALA C 59 32.95 -10.22 -2.11
CA ALA C 59 31.71 -9.46 -2.28
C ALA C 59 31.12 -9.79 -3.64
N ALA C 60 29.81 -10.01 -3.69
CA ALA C 60 29.10 -10.30 -4.94
C ALA C 60 27.89 -9.39 -5.02
N PRO C 61 28.03 -8.21 -5.63
CA PRO C 61 26.89 -7.29 -5.70
C PRO C 61 25.78 -7.76 -6.63
N GLU C 62 26.11 -8.54 -7.66
CA GLU C 62 25.14 -8.99 -8.64
C GLU C 62 25.29 -10.48 -8.87
N GLY C 63 24.15 -11.17 -8.97
CA GLY C 63 24.12 -12.59 -9.24
C GLY C 63 23.61 -12.90 -10.64
N GLU C 64 23.45 -14.21 -10.88
CA GLU C 64 23.03 -14.70 -12.19
C GLU C 64 21.63 -15.29 -12.20
N HIS C 65 21.29 -16.11 -11.22
CA HIS C 65 20.03 -16.85 -11.24
C HIS C 65 19.06 -16.26 -10.23
N PRO C 66 17.89 -15.78 -10.65
CA PRO C 66 16.88 -15.34 -9.68
C PRO C 66 16.31 -16.53 -8.93
N PHE C 67 15.86 -16.26 -7.71
CA PHE C 67 15.31 -17.31 -6.87
C PHE C 67 14.04 -17.87 -7.52
N PRO C 68 13.83 -19.20 -7.48
CA PRO C 68 14.75 -20.20 -6.93
C PRO C 68 15.82 -20.62 -7.92
N PRO C 69 17.02 -20.92 -7.43
CA PRO C 69 18.12 -21.32 -8.30
C PRO C 69 17.90 -22.70 -8.88
N PRO C 70 18.46 -22.99 -10.06
CA PRO C 70 18.35 -24.33 -10.66
C PRO C 70 19.46 -25.27 -10.19
N LEU C 71 19.54 -25.46 -8.88
CA LEU C 71 20.43 -26.45 -8.31
C LEU C 71 19.81 -27.84 -8.40
N SER C 72 20.66 -28.84 -8.59
CA SER C 72 20.22 -30.23 -8.46
C SER C 72 20.25 -30.55 -6.98
N TRP C 73 19.11 -30.31 -6.31
CA TRP C 73 19.06 -30.46 -4.86
C TRP C 73 19.30 -31.90 -4.44
N GLU C 74 19.01 -32.86 -5.33
CA GLU C 74 19.22 -34.27 -5.02
C GLU C 74 20.69 -34.59 -4.83
N ARG C 75 21.60 -33.75 -5.34
CA ARG C 75 23.02 -33.98 -5.14
C ARG C 75 23.44 -33.79 -3.68
N TYR C 76 22.64 -33.11 -2.88
CA TYR C 76 23.07 -32.66 -1.56
C TYR C 76 22.29 -33.37 -0.46
N ASP C 77 23.01 -33.95 0.49
CA ASP C 77 22.40 -34.60 1.64
C ASP C 77 22.12 -33.62 2.77
N VAL C 78 22.90 -32.55 2.85
CA VAL C 78 22.76 -31.52 3.87
C VAL C 78 22.91 -30.16 3.19
N VAL C 79 22.17 -29.17 3.70
CA VAL C 79 22.40 -27.76 3.37
C VAL C 79 22.94 -27.08 4.61
N PHE C 80 23.97 -26.25 4.44
CA PHE C 80 24.54 -25.47 5.53
C PHE C 80 24.29 -24.00 5.21
N PRO C 81 23.22 -23.41 5.73
CA PRO C 81 22.95 -21.99 5.47
C PRO C 81 23.84 -21.10 6.31
N LEU C 82 24.85 -20.51 5.67
CA LEU C 82 25.79 -19.62 6.37
C LEU C 82 25.49 -18.16 6.03
N LEU C 83 24.21 -17.78 6.13
CA LEU C 83 23.76 -16.43 5.87
C LEU C 83 23.43 -15.74 7.19
N HIS C 84 23.66 -14.43 7.22
CA HIS C 84 23.46 -13.63 8.42
C HIS C 84 22.38 -12.58 8.21
N GLY C 85 21.69 -12.23 9.29
CA GLY C 85 20.68 -11.18 9.24
C GLY C 85 19.44 -11.60 8.47
N ARG C 86 18.78 -10.61 7.88
CA ARG C 86 17.52 -10.86 7.18
C ARG C 86 17.74 -11.80 6.01
N PHE C 87 16.72 -12.63 5.74
CA PHE C 87 16.77 -13.63 4.67
C PHE C 87 17.97 -14.57 4.83
N GLY C 88 18.29 -14.88 6.09
CA GLY C 88 19.39 -15.76 6.42
C GLY C 88 19.21 -16.41 7.77
N GLU C 89 18.91 -15.60 8.79
CA GLU C 89 18.68 -16.09 10.14
C GLU C 89 17.24 -15.94 10.59
N ASP C 90 16.35 -15.48 9.72
CA ASP C 90 14.97 -15.16 10.10
C ASP C 90 13.97 -16.25 9.75
N GLY C 91 14.43 -17.39 9.27
CA GLY C 91 13.53 -18.51 9.00
C GLY C 91 13.01 -18.61 7.59
N THR C 92 13.30 -17.65 6.71
CA THR C 92 12.82 -17.73 5.34
C THR C 92 13.54 -18.83 4.57
N VAL C 93 14.87 -18.77 4.53
CA VAL C 93 15.67 -19.82 3.90
C VAL C 93 15.37 -21.17 4.55
N GLN C 94 15.16 -21.17 5.86
CA GLN C 94 14.81 -22.40 6.56
C GLN C 94 13.50 -22.98 6.05
N GLY C 95 12.49 -22.11 5.86
CA GLY C 95 11.20 -22.61 5.40
C GLY C 95 11.26 -23.19 4.00
N PHE C 96 12.02 -22.55 3.12
CA PHE C 96 12.21 -23.08 1.76
C PHE C 96 12.90 -24.43 1.80
N LEU C 97 13.92 -24.59 2.65
CA LEU C 97 14.58 -25.88 2.78
C LEU C 97 13.65 -26.93 3.36
N GLU C 98 12.75 -26.53 4.25
CA GLU C 98 11.74 -27.46 4.77
C GLU C 98 10.85 -27.97 3.65
N LEU C 99 10.52 -27.11 2.68
CA LEU C 99 9.66 -27.53 1.58
C LEU C 99 10.40 -28.43 0.59
N LEU C 100 11.73 -28.39 0.56
CA LEU C 100 12.50 -29.28 -0.30
C LEU C 100 12.82 -30.61 0.37
N GLY C 101 12.43 -30.79 1.63
CA GLY C 101 12.84 -31.96 2.37
C GLY C 101 14.33 -32.08 2.60
N LYS C 102 15.07 -30.97 2.52
CA LYS C 102 16.52 -31.00 2.67
C LYS C 102 16.91 -30.81 4.12
N PRO C 103 17.66 -31.74 4.73
CA PRO C 103 18.22 -31.48 6.05
C PRO C 103 19.13 -30.27 6.00
N TYR C 104 19.10 -29.45 7.05
CA TYR C 104 19.91 -28.25 7.04
C TYR C 104 20.46 -27.95 8.42
N VAL C 105 21.64 -27.34 8.46
CA VAL C 105 22.29 -26.97 9.70
C VAL C 105 21.60 -25.75 10.30
N GLY C 106 21.54 -25.71 11.64
CA GLY C 106 21.06 -24.53 12.33
C GLY C 106 19.61 -24.62 12.75
N ALA C 107 19.13 -23.51 13.30
CA ALA C 107 17.79 -23.45 13.87
C ALA C 107 16.72 -23.51 12.78
N GLY C 108 15.57 -24.09 13.14
CA GLY C 108 14.47 -24.22 12.22
C GLY C 108 13.75 -22.90 12.01
N VAL C 109 12.57 -23.01 11.40
CA VAL C 109 11.80 -21.82 11.03
C VAL C 109 11.39 -21.03 12.28
N ALA C 110 10.81 -21.73 13.26
CA ALA C 110 10.31 -21.05 14.45
C ALA C 110 11.45 -20.44 15.26
N ALA C 111 12.50 -21.23 15.52
CA ALA C 111 13.60 -20.74 16.36
C ALA C 111 14.33 -19.59 15.68
N SER C 112 14.57 -19.69 14.37
CA SER C 112 15.28 -18.63 13.67
C SER C 112 14.49 -17.33 13.68
N ALA C 113 13.20 -17.40 13.33
CA ALA C 113 12.38 -16.19 13.34
C ALA C 113 12.29 -15.58 14.73
N LEU C 114 12.16 -16.42 15.75
CA LEU C 114 12.00 -15.92 17.10
C LEU C 114 13.28 -15.26 17.62
N CYS C 115 14.44 -15.88 17.36
CA CYS C 115 15.70 -15.33 17.83
C CYS C 115 16.10 -14.08 17.07
N MET C 116 15.57 -13.86 15.86
CA MET C 116 15.89 -12.65 15.11
C MET C 116 15.06 -11.46 15.56
N ASP C 117 13.91 -11.69 16.19
CA ASP C 117 13.04 -10.61 16.64
C ASP C 117 13.43 -10.24 18.07
N LYS C 118 14.01 -9.05 18.23
CA LYS C 118 14.48 -8.63 19.55
C LYS C 118 13.33 -8.40 20.52
N ASP C 119 12.12 -8.14 20.02
CA ASP C 119 10.96 -7.99 20.89
C ASP C 119 10.40 -9.36 21.28
N LEU C 120 10.13 -10.22 20.31
CA LEU C 120 9.48 -11.49 20.59
C LEU C 120 10.40 -12.45 21.32
N SER C 121 11.72 -12.36 21.10
CA SER C 121 12.64 -13.22 21.82
C SER C 121 12.68 -12.85 23.30
N LYS C 122 12.70 -11.55 23.60
CA LYS C 122 12.71 -11.12 25.00
C LYS C 122 11.41 -11.48 25.71
N ARG C 123 10.29 -11.47 24.99
CA ARG C 123 9.02 -11.84 25.61
C ARG C 123 9.04 -13.29 26.05
N VAL C 124 9.51 -14.19 25.19
CA VAL C 124 9.58 -15.61 25.54
C VAL C 124 10.56 -15.82 26.69
N LEU C 125 11.71 -15.16 26.64
CA LEU C 125 12.75 -15.39 27.64
C LEU C 125 12.32 -14.85 28.99
N ALA C 126 11.77 -13.62 29.02
CA ALA C 126 11.28 -13.06 30.27
C ALA C 126 10.15 -13.91 30.85
N GLN C 127 9.27 -14.42 30.00
CA GLN C 127 8.22 -15.31 30.47
C GLN C 127 8.80 -16.57 31.10
N ALA C 128 9.94 -17.05 30.59
CA ALA C 128 10.57 -18.24 31.13
C ALA C 128 11.41 -17.96 32.37
N GLY C 129 11.58 -16.70 32.74
CA GLY C 129 12.39 -16.33 33.88
C GLY C 129 13.80 -15.91 33.55
N VAL C 130 14.15 -15.76 32.29
CA VAL C 130 15.51 -15.36 31.91
C VAL C 130 15.61 -13.83 31.99
N PRO C 131 16.61 -13.29 32.69
CA PRO C 131 16.72 -11.83 32.78
C PRO C 131 17.10 -11.23 31.44
N VAL C 132 16.42 -10.13 31.09
CA VAL C 132 16.74 -9.37 29.90
C VAL C 132 16.74 -7.89 30.24
N VAL C 133 17.32 -7.10 29.36
CA VAL C 133 17.33 -5.64 29.55
C VAL C 133 15.91 -5.11 29.39
N PRO C 134 15.47 -4.18 30.24
CA PRO C 134 14.13 -3.61 30.06
C PRO C 134 13.93 -3.05 28.67
N TRP C 135 12.76 -3.32 28.09
CA TRP C 135 12.50 -2.93 26.72
C TRP C 135 11.01 -2.73 26.51
N VAL C 136 10.69 -1.95 25.48
CA VAL C 136 9.33 -1.80 25.00
C VAL C 136 9.37 -1.79 23.47
N ALA C 137 8.34 -2.36 22.85
CA ALA C 137 8.24 -2.43 21.40
C ALA C 137 7.41 -1.26 20.87
N VAL C 138 7.88 -0.66 19.79
CA VAL C 138 7.21 0.47 19.16
C VAL C 138 6.91 0.10 17.71
N ARG C 139 5.63 -0.05 17.39
N ARG C 139 5.64 -0.04 17.38
CA ARG C 139 5.19 -0.26 16.02
CA ARG C 139 5.22 -0.27 16.00
C ARG C 139 4.89 1.09 15.38
C ARG C 139 4.85 1.05 15.36
N LYS C 140 5.36 1.27 14.14
CA LYS C 140 5.20 2.55 13.45
C LYS C 140 3.73 2.96 13.27
N GLU C 142 2.08 4.81 15.58
CA GLU C 142 1.62 4.51 16.94
C GLU C 142 2.57 5.15 17.97
N PRO C 143 1.99 5.80 18.98
CA PRO C 143 2.80 6.56 19.95
C PRO C 143 3.68 5.63 20.77
N PRO C 144 4.95 5.97 20.95
CA PRO C 144 5.84 5.18 21.82
C PRO C 144 5.56 5.48 23.28
N VAL C 145 5.27 4.43 24.05
CA VAL C 145 5.06 4.55 25.48
C VAL C 145 6.25 3.94 26.20
N VAL C 146 7.31 4.72 26.36
CA VAL C 146 8.55 4.25 26.97
C VAL C 146 8.40 4.28 28.49
N PRO C 147 8.34 3.13 29.17
CA PRO C 147 8.10 3.12 30.61
C PRO C 147 9.31 3.49 31.46
N PHE C 148 10.47 3.71 30.85
CA PHE C 148 11.68 4.04 31.58
C PHE C 148 12.29 5.32 31.00
N ASP C 149 13.38 5.79 31.65
CA ASP C 149 14.13 6.99 31.31
C ASP C 149 15.31 6.66 30.41
N PRO C 150 15.72 7.62 29.58
CA PRO C 150 16.98 7.49 28.85
C PRO C 150 18.16 7.47 29.81
N PRO C 151 19.35 7.06 29.34
CA PRO C 151 19.71 6.69 27.97
C PRO C 151 19.24 5.30 27.58
N PHE C 152 18.77 5.15 26.36
CA PHE C 152 18.43 3.84 25.81
C PHE C 152 18.83 3.78 24.35
N PHE C 153 18.75 2.57 23.79
CA PHE C 153 19.02 2.32 22.38
C PHE C 153 17.71 2.15 21.63
N VAL C 154 17.73 2.51 20.35
CA VAL C 154 16.59 2.33 19.45
C VAL C 154 17.06 1.45 18.30
N LYS C 155 16.61 0.20 18.29
CA LYS C 155 17.02 -0.78 17.30
C LYS C 155 15.83 -1.22 16.46
N PRO C 156 16.04 -1.52 15.18
CA PRO C 156 15.05 -2.31 14.45
C PRO C 156 14.97 -3.72 15.05
N ALA C 157 13.74 -4.22 15.16
CA ALA C 157 13.52 -5.48 15.87
C ALA C 157 14.18 -6.68 15.17
N ASN C 158 14.40 -6.60 13.86
CA ASN C 158 15.01 -7.67 13.09
C ASN C 158 16.23 -7.11 12.37
N THR C 159 17.35 -7.05 13.08
CA THR C 159 18.61 -6.54 12.53
C THR C 159 19.48 -7.69 12.02
N SER C 162 22.97 -3.79 12.69
CA SER C 162 23.45 -2.59 13.36
C SER C 162 22.91 -1.33 12.69
N VAL C 163 22.39 -1.49 11.47
CA VAL C 163 21.80 -0.34 10.79
C VAL C 163 20.54 0.09 11.53
N GLY C 164 20.31 1.41 11.56
CA GLY C 164 19.17 1.97 12.24
C GLY C 164 19.34 2.17 13.73
N ILE C 165 20.37 1.57 14.34
CA ILE C 165 20.57 1.71 15.78
C ILE C 165 21.10 3.11 16.09
N SER C 166 20.65 3.67 17.22
CA SER C 166 21.15 4.96 17.68
C SER C 166 20.88 5.08 19.17
N ARG C 167 21.91 5.47 19.93
CA ARG C 167 21.73 5.70 21.35
C ARG C 167 21.00 7.02 21.57
N VAL C 168 19.95 6.99 22.37
CA VAL C 168 19.11 8.15 22.66
C VAL C 168 19.41 8.61 24.08
N GLU C 169 19.94 9.83 24.20
CA GLU C 169 20.23 10.41 25.50
C GLU C 169 19.06 11.22 26.06
N ARG C 170 18.24 11.81 25.19
CA ARG C 170 17.09 12.58 25.63
C ARG C 170 15.92 12.31 24.69
N PHE C 171 14.70 12.36 25.26
CA PHE C 171 13.49 12.04 24.50
C PHE C 171 13.37 12.85 23.22
N GLN C 172 13.89 14.09 23.22
CA GLN C 172 13.80 14.96 22.06
C GLN C 172 14.42 14.32 20.82
N ASP C 173 15.24 13.28 21.00
CA ASP C 173 15.86 12.57 19.89
C ASP C 173 15.25 11.19 19.67
N LEU C 174 14.21 10.82 20.42
CA LEU C 174 13.60 9.50 20.23
C LEU C 174 12.81 9.44 18.93
N GLU C 175 12.07 10.49 18.61
CA GLU C 175 11.27 10.49 17.38
C GLU C 175 12.16 10.36 16.16
N ALA C 176 13.30 11.06 16.13
CA ALA C 176 14.22 10.92 15.02
C ALA C 176 14.90 9.56 15.03
N ALA C 177 15.09 8.96 16.20
CA ALA C 177 15.71 7.65 16.27
C ALA C 177 14.75 6.56 15.82
N LEU C 178 13.45 6.74 16.07
CA LEU C 178 12.45 5.79 15.59
C LEU C 178 12.23 5.92 14.09
N ALA C 179 12.11 7.15 13.60
CA ALA C 179 11.99 7.36 12.15
C ALA C 179 13.20 6.80 11.42
N LEU C 180 14.37 6.82 12.05
CA LEU C 180 15.54 6.18 11.45
C LEU C 180 15.46 4.67 11.56
N ALA C 181 14.83 4.16 12.62
CA ALA C 181 14.70 2.71 12.78
C ALA C 181 13.66 2.13 11.84
N PHE C 182 12.59 2.89 11.54
CA PHE C 182 11.53 2.45 10.64
C PHE C 182 11.93 2.51 9.18
N ARG C 183 13.23 2.63 8.89
CA ARG C 183 13.76 2.52 7.53
C ARG C 183 14.50 1.20 7.32
N TYR C 184 14.25 0.22 8.18
CA TYR C 184 14.87 -1.08 8.07
C TYR C 184 13.94 -2.15 8.62
N ASP C 185 12.95 -1.73 9.39
CA ASP C 185 11.97 -2.65 9.98
C ASP C 185 10.74 -1.85 10.38
N GLU C 186 9.55 -2.41 10.13
CA GLU C 186 8.31 -1.74 10.50
C GLU C 186 8.06 -1.75 12.01
N LYS C 187 8.78 -2.57 12.76
CA LYS C 187 8.68 -2.61 14.21
C LYS C 187 10.05 -2.39 14.82
N ALA C 188 10.10 -1.67 15.94
CA ALA C 188 11.35 -1.37 16.61
C ALA C 188 11.23 -1.68 18.09
N VAL C 189 12.39 -1.72 18.76
CA VAL C 189 12.48 -1.90 20.20
C VAL C 189 13.25 -0.73 20.78
N VAL C 190 13.01 -0.47 22.07
CA VAL C 190 13.73 0.55 22.82
C VAL C 190 14.23 -0.10 24.10
N GLU C 191 15.54 -0.34 24.17
CA GLU C 191 16.17 -1.04 25.28
C GLU C 191 16.94 -0.06 26.15
N LYS C 192 16.67 -0.09 27.46
CA LYS C 192 17.42 0.73 28.40
C LYS C 192 18.92 0.46 28.27
N ALA C 193 19.69 1.54 28.06
CA ALA C 193 21.13 1.42 27.90
C ALA C 193 21.78 1.20 29.25
N LEU C 194 22.63 0.17 29.34
CA LEU C 194 23.34 -0.19 30.55
C LEU C 194 24.80 0.26 30.45
N SER C 195 25.28 0.96 31.49
CA SER C 195 26.64 1.45 31.51
C SER C 195 27.15 1.44 32.96
N PRO C 196 28.33 0.85 33.23
CA PRO C 196 29.15 0.14 32.23
C PRO C 196 28.64 -1.28 32.01
N VAL C 197 29.23 -2.00 31.06
CA VAL C 197 28.75 -3.35 30.73
C VAL C 197 29.91 -4.16 30.17
N ARG C 198 29.99 -5.42 30.60
CA ARG C 198 30.91 -6.41 30.05
C ARG C 198 30.10 -7.41 29.24
N GLU C 199 30.46 -7.58 27.97
CA GLU C 199 29.76 -8.48 27.08
C GLU C 199 30.31 -9.89 27.22
N LEU C 200 29.44 -10.84 27.57
CA LEU C 200 29.81 -12.24 27.73
C LEU C 200 29.14 -13.08 26.66
N GLU C 201 29.82 -14.13 26.23
CA GLU C 201 29.36 -14.97 25.14
C GLU C 201 29.64 -16.44 25.43
N VAL C 202 28.64 -17.29 25.18
CA VAL C 202 28.74 -18.73 25.37
C VAL C 202 28.15 -19.42 24.15
N GLY C 203 28.91 -20.36 23.57
CA GLY C 203 28.42 -21.14 22.45
C GLY C 203 27.70 -22.40 22.93
N VAL C 204 26.62 -22.73 22.24
CA VAL C 204 25.83 -23.92 22.52
C VAL C 204 25.83 -24.81 21.30
N LEU C 205 25.95 -26.12 21.53
CA LEU C 205 26.00 -27.11 20.47
C LEU C 205 25.05 -28.26 20.82
N GLY C 206 24.19 -28.62 19.88
CA GLY C 206 23.24 -29.69 20.07
C GLY C 206 21.85 -29.30 19.62
N ASN C 207 20.99 -30.31 19.58
CA ASN C 207 19.60 -30.13 19.18
C ASN C 207 18.74 -29.98 20.43
N VAL C 208 18.20 -28.77 20.63
CA VAL C 208 17.32 -28.44 21.75
C VAL C 208 18.06 -28.54 23.08
N PHE C 209 18.47 -29.75 23.47
CA PHE C 209 19.25 -29.96 24.69
C PHE C 209 20.72 -29.88 24.31
N GLY C 210 21.32 -28.71 24.48
CA GLY C 210 22.63 -28.42 23.93
C GLY C 210 23.76 -28.57 24.93
N GLU C 211 24.98 -28.43 24.42
CA GLU C 211 26.19 -28.50 25.22
C GLU C 211 26.84 -27.12 25.25
N ALA C 212 27.23 -26.68 26.44
CA ALA C 212 27.76 -25.33 26.61
C ALA C 212 29.27 -25.32 26.46
N SER C 213 29.77 -24.28 25.79
CA SER C 213 31.19 -24.01 25.71
C SER C 213 31.60 -23.13 26.89
N PRO C 214 32.90 -22.96 27.11
CA PRO C 214 33.34 -21.99 28.12
C PRO C 214 32.82 -20.60 27.79
N VAL C 215 32.75 -19.78 28.84
CA VAL C 215 32.27 -18.41 28.73
C VAL C 215 33.42 -17.51 28.32
N GLY C 216 33.14 -16.62 27.36
CA GLY C 216 34.12 -15.66 26.88
C GLY C 216 33.64 -14.24 27.10
N GLU C 217 34.56 -13.30 26.86
CA GLU C 217 34.27 -11.88 27.06
C GLU C 217 34.93 -11.08 25.94
N VAL C 218 34.21 -10.07 25.46
CA VAL C 218 34.72 -9.14 24.45
C VAL C 218 35.08 -7.83 25.15
N ARG C 219 36.19 -7.23 24.75
CA ARG C 219 36.62 -5.94 25.29
C ARG C 219 37.15 -5.00 24.20
N ALA C 236 38.93 -5.86 18.87
CA ALA C 236 38.37 -6.30 20.13
C ALA C 236 38.91 -7.67 20.54
N GLU C 237 39.46 -7.75 21.75
CA GLU C 237 40.06 -8.98 22.23
C GLU C 237 38.99 -9.91 22.83
N LEU C 238 39.35 -11.18 22.95
CA LEU C 238 38.43 -12.23 23.41
C LEU C 238 39.09 -12.97 24.57
N LEU C 239 38.67 -12.66 25.79
CA LEU C 239 39.19 -13.32 26.98
C LEU C 239 38.46 -14.65 27.18
N ILE C 240 39.19 -15.75 27.10
CA ILE C 240 38.61 -17.10 27.21
C ILE C 240 39.50 -17.99 28.07
N PRO C 241 38.99 -18.57 29.17
CA PRO C 241 37.64 -18.37 29.69
C PRO C 241 37.50 -17.05 30.44
N ALA C 242 36.29 -16.55 30.56
CA ALA C 242 36.09 -15.17 30.98
C ALA C 242 36.54 -14.98 32.43
N PRO C 243 37.13 -13.83 32.77
CA PRO C 243 37.47 -13.59 34.18
C PRO C 243 36.23 -13.36 35.03
N LEU C 244 35.66 -14.43 35.57
CA LEU C 244 34.41 -14.35 36.31
C LEU C 244 34.50 -15.20 37.57
N ASP C 245 33.70 -14.83 38.57
CA ASP C 245 33.62 -15.55 39.83
C ASP C 245 33.38 -17.05 39.62
N GLY C 247 30.09 -18.73 40.57
CA GLY C 247 28.75 -19.10 40.15
C GLY C 247 28.28 -18.36 38.91
N THR C 248 29.01 -17.30 38.54
CA THR C 248 28.61 -16.50 37.39
C THR C 248 28.84 -17.24 36.09
N GLN C 249 29.99 -17.91 35.95
CA GLN C 249 30.24 -18.70 34.74
C GLN C 249 29.22 -19.82 34.58
N GLU C 250 28.76 -20.40 35.69
CA GLU C 250 27.74 -21.45 35.60
C GLU C 250 26.35 -20.87 35.38
N THR C 251 26.04 -19.73 36.03
CA THR C 251 24.76 -19.07 35.79
C THR C 251 24.63 -18.65 34.33
N VAL C 252 25.73 -18.18 33.73
CA VAL C 252 25.69 -17.81 32.31
C VAL C 252 25.44 -19.05 31.46
N GLN C 253 26.15 -20.14 31.75
CA GLN C 253 25.96 -21.36 30.97
C GLN C 253 24.56 -21.94 31.17
N GLU C 254 24.03 -21.88 32.39
CA GLU C 254 22.71 -22.46 32.64
C GLU C 254 21.60 -21.62 32.02
N LEU C 255 21.78 -20.30 31.94
CA LEU C 255 20.79 -19.47 31.29
C LEU C 255 20.85 -19.63 29.78
N ALA C 256 22.05 -19.76 29.22
CA ALA C 256 22.19 -19.99 27.79
C ALA C 256 21.52 -21.30 27.38
N LEU C 257 21.70 -22.36 28.17
CA LEU C 257 21.10 -23.64 27.83
C LEU C 257 19.59 -23.62 28.02
N LYS C 258 19.10 -22.90 29.03
CA LYS C 258 17.66 -22.80 29.24
C LYS C 258 17.00 -22.04 28.10
N ALA C 259 17.60 -20.92 27.69
CA ALA C 259 17.11 -20.18 26.54
C ALA C 259 17.15 -21.05 25.29
N TYR C 260 18.24 -21.79 25.10
CA TYR C 260 18.36 -22.72 23.98
C TYR C 260 17.22 -23.72 23.97
N LYS C 261 16.88 -24.27 25.15
CA LYS C 261 15.85 -25.29 25.24
C LYS C 261 14.46 -24.70 25.05
N VAL C 262 14.17 -23.58 25.73
CA VAL C 262 12.84 -22.99 25.66
C VAL C 262 12.52 -22.56 24.24
N LEU C 263 13.48 -21.91 23.58
CA LEU C 263 13.29 -21.48 22.20
C LEU C 263 13.35 -22.62 21.20
N GLY C 264 13.80 -23.80 21.61
CA GLY C 264 13.86 -24.95 20.72
C GLY C 264 14.86 -24.79 19.59
N VAL C 265 16.08 -24.37 19.93
CA VAL C 265 17.11 -24.15 18.92
C VAL C 265 17.74 -25.48 18.55
N ARG C 266 18.02 -25.66 17.26
CA ARG C 266 18.73 -26.82 16.75
C ARG C 266 20.12 -26.42 16.27
N GLY C 267 21.01 -27.40 16.22
CA GLY C 267 22.34 -27.21 15.68
C GLY C 267 23.26 -26.44 16.58
N MET C 268 23.09 -25.12 16.65
CA MET C 268 24.07 -24.26 17.30
C MET C 268 23.43 -22.91 17.62
N ALA C 269 24.14 -22.14 18.45
CA ALA C 269 23.80 -20.75 18.75
C ALA C 269 24.93 -20.15 19.58
N ARG C 270 25.17 -18.85 19.39
CA ARG C 270 26.02 -18.07 20.26
C ARG C 270 25.15 -17.15 21.10
N VAL C 271 25.19 -17.34 22.41
CA VAL C 271 24.28 -16.68 23.35
C VAL C 271 25.05 -15.52 23.97
N ASP C 272 24.61 -14.29 23.69
CA ASP C 272 25.31 -13.08 24.10
C ASP C 272 24.67 -12.51 25.37
N PHE C 273 25.50 -12.13 26.32
CA PHE C 273 25.06 -11.58 27.59
C PHE C 273 25.65 -10.19 27.82
N PHE C 274 24.89 -9.38 28.55
CA PHE C 274 25.39 -8.15 29.17
C PHE C 274 25.67 -8.43 30.64
N LEU C 275 26.74 -7.82 31.16
CA LEU C 275 27.06 -7.86 32.59
C LEU C 275 27.36 -6.43 33.02
N ALA C 276 26.38 -5.81 33.70
CA ALA C 276 26.49 -4.40 34.07
C ALA C 276 27.52 -4.20 35.17
N GLU C 277 27.21 -4.68 36.37
CA GLU C 277 28.22 -4.77 37.43
C GLU C 277 28.15 -6.17 38.01
N GLY C 278 27.15 -6.41 38.85
CA GLY C 278 26.75 -7.73 39.26
C GLY C 278 25.46 -8.19 38.62
N GLU C 279 24.88 -7.39 37.74
CA GLU C 279 23.59 -7.69 37.11
C GLU C 279 23.81 -8.34 35.76
N LEU C 280 23.26 -9.53 35.57
CA LEU C 280 23.41 -10.31 34.36
C LEU C 280 22.14 -10.23 33.52
N TYR C 281 22.32 -10.09 32.21
CA TYR C 281 21.20 -9.98 31.28
C TYR C 281 21.51 -10.78 30.03
N LEU C 282 20.52 -11.52 29.53
CA LEU C 282 20.63 -12.17 28.23
C LEU C 282 20.29 -11.17 27.14
N ASN C 283 21.19 -11.00 26.17
CA ASN C 283 21.03 -10.03 25.11
C ASN C 283 20.32 -10.63 23.89
N GLU C 284 20.96 -11.60 23.24
CA GLU C 284 20.40 -12.15 22.02
C GLU C 284 21.02 -13.52 21.75
N LEU C 285 20.24 -14.38 21.10
CA LEU C 285 20.71 -15.66 20.60
C LEU C 285 20.95 -15.54 19.10
N ASN C 286 22.17 -15.88 18.66
CA ASN C 286 22.54 -15.84 17.26
C ASN C 286 22.53 -17.25 16.69
N THR C 287 21.65 -17.50 15.72
CA THR C 287 21.48 -18.85 15.20
C THR C 287 22.54 -19.19 14.15
N ILE C 288 22.98 -18.22 13.36
CA ILE C 288 24.08 -18.42 12.43
C ILE C 288 25.21 -17.47 12.81
N PRO C 289 26.05 -17.85 13.77
CA PRO C 289 27.14 -16.95 14.19
C PRO C 289 28.25 -16.91 13.16
N GLY C 290 29.14 -15.94 13.34
CA GLY C 290 30.33 -15.85 12.52
C GLY C 290 31.13 -17.14 12.61
N PHE C 291 31.62 -17.63 11.47
CA PHE C 291 32.19 -18.96 11.44
C PHE C 291 33.55 -18.96 10.76
N THR C 292 34.38 -17.97 11.08
CA THR C 292 35.76 -17.99 10.63
C THR C 292 36.59 -18.86 11.57
N SER C 295 36.69 -16.70 14.56
CA SER C 295 35.45 -16.09 15.05
C SER C 295 35.14 -16.51 16.47
N MET C 296 34.20 -15.79 17.10
CA MET C 296 33.90 -16.00 18.51
C MET C 296 33.37 -17.41 18.76
N TYR C 297 32.36 -17.82 18.01
CA TYR C 297 31.76 -19.14 18.23
C TYR C 297 32.76 -20.27 18.03
N PRO C 298 33.54 -20.33 16.94
CA PRO C 298 34.53 -21.41 16.84
C PRO C 298 35.60 -21.35 17.92
N ARG C 299 36.02 -20.15 18.32
CA ARG C 299 37.03 -20.03 19.38
C ARG C 299 36.49 -20.56 20.71
N LEU C 300 35.22 -20.34 21.01
CA LEU C 300 34.66 -20.79 22.29
C LEU C 300 34.73 -22.31 22.40
N PHE C 301 34.29 -23.02 21.37
CA PHE C 301 34.32 -24.47 21.42
C PHE C 301 35.72 -25.01 21.20
N GLU C 302 36.58 -24.22 20.53
CA GLU C 302 37.98 -24.60 20.41
C GLU C 302 38.63 -24.71 21.79
N ALA C 303 38.31 -23.77 22.68
CA ALA C 303 38.72 -23.82 24.08
C ALA C 303 37.98 -24.87 24.89
N GLY C 304 36.88 -25.42 24.39
CA GLY C 304 36.19 -26.49 25.07
C GLY C 304 36.55 -27.88 24.62
N GLY C 305 37.57 -28.04 23.77
CA GLY C 305 37.96 -29.34 23.28
C GLY C 305 37.27 -29.79 22.03
N VAL C 306 36.71 -28.88 21.25
CA VAL C 306 35.99 -29.21 20.02
C VAL C 306 36.67 -28.45 18.89
N ALA C 307 37.57 -29.11 18.17
CA ALA C 307 38.31 -28.46 17.11
C ALA C 307 37.38 -28.04 15.99
N TYR C 308 37.82 -27.05 15.22
CA TYR C 308 37.04 -26.52 14.10
C TYR C 308 36.52 -27.59 13.16
N PRO C 309 37.32 -28.59 12.73
CA PRO C 309 36.73 -29.65 11.89
C PRO C 309 35.69 -30.48 12.62
N GLU C 310 35.95 -30.85 13.88
CA GLU C 310 34.97 -31.62 14.64
C GLU C 310 33.73 -30.79 14.93
N LEU C 311 33.89 -29.48 15.12
CA LEU C 311 32.72 -28.60 15.29
C LEU C 311 31.87 -28.61 14.03
N LEU C 312 32.51 -28.48 12.86
CA LEU C 312 31.78 -28.58 11.59
C LEU C 312 31.18 -29.96 11.36
N ARG C 313 31.86 -31.02 11.82
CA ARG C 313 31.34 -32.37 11.61
C ARG C 313 30.07 -32.61 12.41
N ARG C 314 30.06 -32.20 13.68
CA ARG C 314 28.90 -32.46 14.53
C ARG C 314 27.71 -31.60 14.12
N LEU C 315 27.95 -30.40 13.60
CA LEU C 315 26.86 -29.59 13.07
C LEU C 315 26.16 -30.29 11.91
N VAL C 316 26.94 -30.91 11.01
CA VAL C 316 26.37 -31.62 9.88
C VAL C 316 25.62 -32.85 10.35
N GLU C 317 26.15 -33.56 11.34
CA GLU C 317 25.49 -34.76 11.83
C GLU C 317 24.27 -34.43 12.67
N LEU C 318 24.26 -33.29 13.36
CA LEU C 318 23.08 -32.88 14.11
C LEU C 318 21.92 -32.60 13.18
N ALA C 319 22.22 -32.06 12.00
CA ALA C 319 21.17 -31.77 11.02
C ALA C 319 20.59 -33.06 10.45
N LEU C 320 21.44 -34.07 10.23
CA LEU C 320 20.97 -35.35 9.72
C LEU C 320 20.21 -36.13 10.78
N THR C 321 20.68 -36.05 12.03
CA THR C 321 19.98 -36.71 13.13
C THR C 321 18.55 -36.20 13.25
N HIS C 322 18.35 -34.89 13.06
CA HIS C 322 17.02 -34.31 13.26
C HIS C 322 16.09 -34.62 12.10
N HIS C 323 16.56 -34.46 10.86
CA HIS C 323 15.68 -34.71 9.71
C HIS C 323 15.25 -36.17 9.63
N HIS C 324 16.11 -37.10 10.05
CA HIS C 324 15.76 -38.51 10.05
C HIS C 324 15.55 -39.00 11.48
N MET D 3 -5.58 -7.98 -11.57
CA MET D 3 -4.59 -8.69 -10.79
C MET D 3 -4.77 -10.21 -10.91
N ARG D 4 -3.76 -10.87 -11.47
CA ARG D 4 -3.77 -12.33 -11.57
C ARG D 4 -3.33 -12.94 -10.24
N VAL D 5 -4.18 -13.78 -9.67
CA VAL D 5 -3.96 -14.35 -8.35
C VAL D 5 -3.70 -15.84 -8.48
N LEU D 6 -2.66 -16.32 -7.78
CA LEU D 6 -2.35 -17.74 -7.71
C LEU D 6 -2.83 -18.28 -6.38
N LEU D 7 -3.85 -19.13 -6.42
CA LEU D 7 -4.38 -19.75 -5.22
C LEU D 7 -3.72 -21.12 -5.03
N ILE D 8 -3.01 -21.30 -3.93
CA ILE D 8 -2.34 -22.56 -3.62
C ILE D 8 -3.23 -23.34 -2.66
N ALA D 9 -3.53 -24.60 -3.01
CA ALA D 9 -4.46 -25.41 -2.25
C ALA D 9 -3.93 -26.83 -2.15
N GLY D 10 -4.61 -27.63 -1.32
CA GLY D 10 -4.21 -29.02 -1.13
C GLY D 10 -3.39 -29.22 0.13
N GLY D 11 -2.10 -29.47 -0.04
CA GLY D 11 -1.21 -29.63 1.10
C GLY D 11 -1.09 -31.09 1.53
N VAL D 12 0.04 -31.39 2.19
CA VAL D 12 0.32 -32.74 2.64
C VAL D 12 -0.07 -32.94 4.10
N SER D 13 -0.79 -31.99 4.69
CA SER D 13 -1.29 -32.16 6.04
C SER D 13 -2.63 -32.87 6.02
N PRO D 14 -3.06 -33.45 7.15
CA PRO D 14 -4.37 -34.13 7.17
C PRO D 14 -5.54 -33.25 6.74
N GLU D 15 -5.39 -31.92 6.74
CA GLU D 15 -6.43 -31.01 6.25
C GLU D 15 -6.35 -30.80 4.74
N HIS D 16 -6.13 -31.89 3.99
CA HIS D 16 -5.94 -31.80 2.55
C HIS D 16 -7.24 -31.48 1.83
N GLU D 17 -8.31 -32.23 2.13
CA GLU D 17 -9.56 -32.01 1.43
C GLU D 17 -10.18 -30.68 1.79
N VAL D 18 -10.14 -30.31 3.07
CA VAL D 18 -10.76 -29.05 3.50
C VAL D 18 -10.01 -27.86 2.95
N SER D 19 -8.76 -28.03 2.53
CA SER D 19 -8.06 -26.97 1.82
C SER D 19 -8.59 -26.87 0.39
N LEU D 20 -8.81 -28.01 -0.27
CA LEU D 20 -9.50 -28.00 -1.56
C LEU D 20 -10.95 -27.56 -1.40
N LEU D 21 -11.59 -27.91 -0.29
CA LEU D 21 -12.93 -27.41 -0.01
C LEU D 21 -12.92 -25.88 0.10
N SER D 22 -12.00 -25.34 0.89
CA SER D 22 -11.85 -23.89 0.97
C SER D 22 -11.44 -23.30 -0.37
N ALA D 23 -10.72 -24.08 -1.18
CA ALA D 23 -10.29 -23.59 -2.49
C ALA D 23 -11.49 -23.27 -3.37
N GLU D 24 -12.39 -24.25 -3.53
CA GLU D 24 -13.55 -24.07 -4.40
C GLU D 24 -14.41 -22.89 -3.96
N GLY D 25 -14.57 -22.70 -2.65
CA GLY D 25 -15.31 -21.57 -2.13
C GLY D 25 -14.67 -20.25 -2.52
N VAL D 26 -13.38 -20.09 -2.20
CA VAL D 26 -12.63 -18.91 -2.62
C VAL D 26 -12.58 -18.81 -4.14
N LEU D 27 -12.54 -19.95 -4.84
CA LEU D 27 -12.34 -19.93 -6.29
C LEU D 27 -13.56 -19.39 -7.03
N ARG D 28 -14.76 -19.56 -6.46
CA ARG D 28 -15.99 -19.12 -7.12
C ARG D 28 -16.32 -17.65 -6.89
N HIS D 29 -15.76 -17.02 -5.86
CA HIS D 29 -16.15 -15.67 -5.48
C HIS D 29 -15.01 -14.68 -5.35
N ILE D 30 -13.76 -15.09 -5.53
CA ILE D 30 -12.66 -14.13 -5.45
C ILE D 30 -12.76 -13.14 -6.60
N PRO D 31 -12.79 -11.84 -6.34
CA PRO D 31 -12.98 -10.85 -7.41
C PRO D 31 -11.71 -10.49 -8.17
N PHE D 32 -11.00 -11.51 -8.65
CA PHE D 32 -9.80 -11.34 -9.45
C PHE D 32 -9.69 -12.51 -10.42
N PRO D 33 -9.04 -12.31 -11.57
CA PRO D 33 -8.65 -13.47 -12.40
C PRO D 33 -7.68 -14.34 -11.62
N THR D 34 -8.12 -15.55 -11.30
CA THR D 34 -7.42 -16.38 -10.32
C THR D 34 -7.09 -17.74 -10.91
N ASP D 35 -5.83 -18.15 -10.78
CA ASP D 35 -5.37 -19.48 -11.13
C ASP D 35 -5.23 -20.32 -9.87
N LEU D 36 -5.26 -21.64 -10.05
CA LEU D 36 -5.22 -22.58 -8.94
C LEU D 36 -4.04 -23.53 -9.12
N ALA D 37 -3.21 -23.64 -8.09
CA ALA D 37 -2.12 -24.61 -8.03
C ALA D 37 -2.33 -25.50 -6.81
N VAL D 38 -2.41 -26.81 -7.04
CA VAL D 38 -2.75 -27.77 -6.00
C VAL D 38 -1.49 -28.54 -5.61
N ILE D 39 -1.20 -28.55 -4.31
CA ILE D 39 -0.16 -29.41 -3.74
C ILE D 39 -0.82 -30.73 -3.38
N ALA D 40 -0.42 -31.80 -4.07
CA ALA D 40 -0.99 -33.11 -3.80
C ALA D 40 -0.45 -33.67 -2.49
N GLN D 41 -1.13 -34.70 -1.99
CA GLN D 41 -0.86 -35.17 -0.65
C GLN D 41 0.52 -35.82 -0.53
N ASP D 42 1.15 -36.15 -1.64
CA ASP D 42 2.49 -36.73 -1.60
C ASP D 42 3.59 -35.70 -1.82
N GLY D 43 3.23 -34.42 -1.90
CA GLY D 43 4.22 -33.36 -2.00
C GLY D 43 4.29 -32.71 -3.36
N ARG D 44 4.19 -33.52 -4.42
CA ARG D 44 4.29 -32.98 -5.77
C ARG D 44 3.06 -32.16 -6.13
N TRP D 45 3.25 -31.18 -7.00
CA TRP D 45 2.21 -30.21 -7.32
C TRP D 45 1.42 -30.63 -8.55
N LEU D 46 0.28 -29.96 -8.75
CA LEU D 46 -0.55 -30.10 -9.94
C LEU D 46 -0.98 -28.70 -10.37
N LEU D 47 -0.80 -28.39 -11.65
CA LEU D 47 -1.08 -27.06 -12.17
C LEU D 47 -2.13 -27.13 -13.28
N GLY D 48 -2.52 -25.96 -13.76
CA GLY D 48 -3.39 -25.86 -14.93
C GLY D 48 -4.70 -26.60 -14.75
N GLU D 49 -5.11 -27.29 -15.82
CA GLU D 49 -6.36 -28.05 -15.78
C GLU D 49 -6.26 -29.29 -14.91
N LYS D 50 -5.05 -29.80 -14.67
CA LYS D 50 -4.90 -30.92 -13.75
C LYS D 50 -5.17 -30.50 -12.31
N ALA D 51 -4.86 -29.25 -11.97
CA ALA D 51 -5.18 -28.74 -10.65
C ALA D 51 -6.69 -28.64 -10.45
N LEU D 52 -7.42 -28.37 -11.53
CA LEU D 52 -8.87 -28.29 -11.46
C LEU D 52 -9.52 -29.68 -11.41
N THR D 53 -8.93 -30.67 -12.08
CA THR D 53 -9.45 -32.03 -12.02
C THR D 53 -9.42 -32.56 -10.59
N ALA D 54 -8.33 -32.32 -9.87
CA ALA D 54 -8.24 -32.78 -8.49
C ALA D 54 -9.12 -31.96 -7.56
N LEU D 55 -9.40 -30.70 -7.90
CA LEU D 55 -10.32 -29.91 -7.10
C LEU D 55 -11.75 -30.43 -7.21
N GLU D 56 -12.22 -30.65 -8.44
CA GLU D 56 -13.51 -31.28 -8.63
C GLU D 56 -13.54 -32.71 -8.08
N ALA D 57 -12.37 -33.30 -7.82
CA ALA D 57 -12.28 -34.61 -7.22
C ALA D 57 -12.16 -34.58 -5.71
N LYS D 58 -12.04 -33.39 -5.11
CA LYS D 58 -12.00 -33.18 -3.67
C LYS D 58 -10.86 -33.91 -2.98
N ALA D 59 -9.90 -34.46 -3.73
CA ALA D 59 -8.77 -35.17 -3.16
C ALA D 59 -7.71 -35.46 -4.22
N ALA D 60 -6.52 -34.87 -4.06
CA ALA D 60 -5.41 -35.11 -4.97
C ALA D 60 -4.38 -36.01 -4.28
N PRO D 61 -4.27 -37.28 -4.64
CA PRO D 61 -3.32 -38.17 -3.96
C PRO D 61 -1.91 -38.08 -4.52
N GLU D 62 -1.79 -37.82 -5.83
CA GLU D 62 -0.50 -37.79 -6.50
C GLU D 62 -0.34 -36.48 -7.25
N GLY D 63 0.88 -35.94 -7.24
CA GLY D 63 1.18 -34.71 -7.94
C GLY D 63 2.17 -34.91 -9.07
N GLU D 64 2.23 -33.96 -10.00
CA GLU D 64 3.08 -34.12 -11.17
C GLU D 64 4.52 -33.66 -10.90
N HIS D 65 4.68 -32.43 -10.40
CA HIS D 65 6.00 -31.82 -10.33
C HIS D 65 6.49 -31.76 -8.89
N PRO D 66 7.74 -32.16 -8.63
CA PRO D 66 8.33 -31.95 -7.30
C PRO D 66 8.62 -30.47 -7.07
N PHE D 67 8.65 -30.10 -5.78
CA PHE D 67 8.89 -28.72 -5.37
C PHE D 67 10.36 -28.36 -5.56
N PRO D 68 10.67 -27.13 -6.00
CA PRO D 68 9.69 -26.12 -6.45
C PRO D 68 9.15 -26.41 -7.85
N PRO D 69 7.89 -26.06 -8.08
CA PRO D 69 7.23 -26.46 -9.33
C PRO D 69 7.64 -25.56 -10.48
N PRO D 70 7.57 -26.05 -11.72
CA PRO D 70 7.77 -25.18 -12.88
C PRO D 70 6.58 -24.27 -13.10
N LEU D 71 6.33 -23.38 -12.14
CA LEU D 71 5.24 -22.42 -12.20
C LEU D 71 5.82 -21.06 -12.56
N SER D 72 5.17 -20.37 -13.50
CA SER D 72 5.65 -19.05 -13.94
C SER D 72 5.15 -18.01 -12.96
N TRP D 73 5.96 -17.77 -11.92
CA TRP D 73 5.55 -16.90 -10.82
C TRP D 73 5.44 -15.44 -11.24
N GLU D 74 6.15 -15.03 -12.31
CA GLU D 74 6.12 -13.62 -12.70
C GLU D 74 4.77 -13.19 -13.23
N ARG D 75 3.91 -14.14 -13.61
CA ARG D 75 2.59 -13.82 -14.15
C ARG D 75 1.57 -13.52 -13.06
N TYR D 76 1.95 -13.60 -11.79
CA TYR D 76 1.04 -13.34 -10.68
C TYR D 76 1.59 -12.23 -9.80
N ASP D 77 0.69 -11.39 -9.28
CA ASP D 77 1.05 -10.34 -8.34
C ASP D 77 0.68 -10.66 -6.90
N VAL D 78 -0.18 -11.64 -6.67
CA VAL D 78 -0.58 -12.05 -5.33
C VAL D 78 -0.70 -13.58 -5.30
N VAL D 79 -0.08 -14.20 -4.29
CA VAL D 79 -0.25 -15.62 -4.01
C VAL D 79 -1.13 -15.75 -2.77
N PHE D 80 -2.16 -16.58 -2.87
CA PHE D 80 -3.07 -16.88 -1.75
C PHE D 80 -2.71 -18.27 -1.27
N PRO D 81 -1.83 -18.41 -0.26
CA PRO D 81 -1.49 -19.74 0.22
C PRO D 81 -2.59 -20.33 1.10
N LEU D 82 -3.58 -20.97 0.50
CA LEU D 82 -4.71 -21.54 1.25
C LEU D 82 -4.40 -22.98 1.68
N LEU D 83 -3.39 -23.10 2.54
CA LEU D 83 -2.96 -24.37 3.09
C LEU D 83 -3.05 -24.31 4.61
N HIS D 84 -3.60 -25.37 5.21
CA HIS D 84 -3.75 -25.46 6.65
C HIS D 84 -2.72 -26.42 7.23
N GLY D 85 -2.31 -26.15 8.47
CA GLY D 85 -1.45 -27.07 9.19
C GLY D 85 0.00 -27.02 8.75
N ARG D 86 0.68 -28.14 8.91
CA ARG D 86 2.09 -28.23 8.55
C ARG D 86 2.29 -27.97 7.06
N PHE D 87 3.40 -27.31 6.73
CA PHE D 87 3.70 -26.88 5.37
C PHE D 87 2.55 -26.06 4.80
N GLY D 88 2.08 -25.10 5.60
CA GLY D 88 0.99 -24.24 5.21
C GLY D 88 0.85 -23.03 6.12
N GLU D 89 0.51 -23.26 7.39
CA GLU D 89 0.37 -22.19 8.36
C GLU D 89 1.62 -21.95 9.19
N ASP D 90 2.73 -22.65 8.91
CA ASP D 90 3.86 -22.70 9.83
C ASP D 90 5.06 -21.88 9.40
N GLY D 91 4.98 -21.17 8.27
CA GLY D 91 6.06 -20.30 7.83
C GLY D 91 6.92 -20.86 6.72
N THR D 92 6.84 -22.17 6.45
CA THR D 92 7.64 -22.76 5.38
C THR D 92 7.22 -22.20 4.02
N VAL D 93 5.93 -22.32 3.69
CA VAL D 93 5.42 -21.77 2.44
C VAL D 93 5.64 -20.26 2.38
N GLN D 94 5.47 -19.58 3.52
CA GLN D 94 5.64 -18.13 3.54
C GLN D 94 7.08 -17.74 3.25
N GLY D 95 8.05 -18.51 3.76
CA GLY D 95 9.45 -18.24 3.47
C GLY D 95 9.77 -18.42 2.00
N PHE D 96 9.17 -19.43 1.37
CA PHE D 96 9.37 -19.64 -0.06
C PHE D 96 8.83 -18.46 -0.88
N LEU D 97 7.70 -17.90 -0.45
CA LEU D 97 7.15 -16.74 -1.15
C LEU D 97 7.94 -15.48 -0.85
N GLU D 98 8.49 -15.37 0.37
CA GLU D 98 9.33 -14.23 0.72
C GLU D 98 10.56 -14.18 -0.19
N LEU D 99 11.26 -15.31 -0.31
CA LEU D 99 12.42 -15.39 -1.20
C LEU D 99 12.05 -15.16 -2.66
N LEU D 100 10.85 -15.60 -3.07
CA LEU D 100 10.38 -15.31 -4.42
C LEU D 100 10.13 -13.82 -4.63
N GLY D 101 9.98 -13.05 -3.56
CA GLY D 101 9.63 -11.65 -3.71
C GLY D 101 8.21 -11.43 -4.17
N LYS D 102 7.31 -12.32 -3.81
CA LYS D 102 5.91 -12.18 -4.21
C LYS D 102 5.05 -11.77 -3.04
N PRO D 103 4.23 -10.73 -3.17
CA PRO D 103 3.25 -10.45 -2.13
C PRO D 103 2.28 -11.61 -1.98
N TYR D 104 1.96 -11.96 -0.73
CA TYR D 104 1.13 -13.13 -0.47
C TYR D 104 0.15 -12.84 0.66
N VAL D 105 -0.95 -13.58 0.64
CA VAL D 105 -2.03 -13.40 1.62
C VAL D 105 -1.67 -14.11 2.91
N GLY D 106 -1.88 -13.44 4.03
CA GLY D 106 -1.76 -14.08 5.34
C GLY D 106 -0.58 -13.53 6.14
N ALA D 107 -0.31 -14.22 7.25
CA ALA D 107 0.75 -13.81 8.16
C ALA D 107 2.12 -14.17 7.59
N GLY D 108 3.12 -13.42 8.02
CA GLY D 108 4.48 -13.65 7.56
C GLY D 108 5.07 -14.90 8.20
N VAL D 109 6.39 -15.03 8.03
CA VAL D 109 7.09 -16.23 8.50
C VAL D 109 7.07 -16.29 10.03
N ALA D 110 7.44 -15.19 10.69
CA ALA D 110 7.49 -15.19 12.14
C ALA D 110 6.12 -15.46 12.73
N ALA D 111 5.13 -14.66 12.35
CA ALA D 111 3.79 -14.79 12.93
C ALA D 111 3.22 -16.19 12.68
N SER D 112 3.38 -16.70 11.45
CA SER D 112 2.83 -18.01 11.13
C SER D 112 3.51 -19.12 11.92
N ALA D 113 4.83 -19.03 12.07
CA ALA D 113 5.56 -20.03 12.86
C ALA D 113 5.21 -19.92 14.34
N LEU D 114 5.08 -18.70 14.86
CA LEU D 114 4.73 -18.51 16.26
C LEU D 114 3.32 -18.99 16.55
N CYS D 115 2.34 -18.48 15.79
CA CYS D 115 0.94 -18.88 15.99
C CYS D 115 0.74 -20.37 15.77
N MET D 116 1.61 -21.01 15.00
CA MET D 116 1.51 -22.45 14.80
C MET D 116 1.94 -23.23 16.04
N ASP D 117 2.84 -22.67 16.85
CA ASP D 117 3.38 -23.35 18.02
C ASP D 117 2.47 -23.07 19.21
N LYS D 118 1.80 -24.12 19.70
CA LYS D 118 0.92 -23.96 20.85
C LYS D 118 1.68 -23.64 22.13
N ASP D 119 2.98 -23.92 22.16
CA ASP D 119 3.82 -23.57 23.30
C ASP D 119 4.35 -22.15 23.21
N LEU D 120 4.98 -21.79 22.08
CA LEU D 120 5.64 -20.49 21.99
C LEU D 120 4.64 -19.34 21.93
N SER D 121 3.48 -19.57 21.31
CA SER D 121 2.48 -18.50 21.24
C SER D 121 1.94 -18.16 22.62
N LYS D 122 1.72 -19.17 23.46
CA LYS D 122 1.23 -18.93 24.81
C LYS D 122 2.24 -18.16 25.65
N ARG D 123 3.52 -18.51 25.57
CA ARG D 123 4.54 -17.78 26.32
C ARG D 123 4.57 -16.32 25.91
N VAL D 124 4.49 -16.05 24.60
CA VAL D 124 4.39 -14.67 24.13
C VAL D 124 3.13 -14.02 24.67
N LEU D 125 2.00 -14.72 24.61
CA LEU D 125 0.73 -14.13 25.00
C LEU D 125 0.65 -13.93 26.51
N ALA D 126 1.02 -14.95 27.28
CA ALA D 126 1.00 -14.82 28.73
C ALA D 126 1.95 -13.73 29.21
N GLN D 127 3.01 -13.44 28.44
CA GLN D 127 3.91 -12.36 28.83
C GLN D 127 3.29 -11.00 28.59
N ALA D 128 2.51 -10.87 27.51
CA ALA D 128 1.88 -9.60 27.16
C ALA D 128 0.67 -9.27 28.00
N GLY D 129 0.24 -10.17 28.87
CA GLY D 129 -0.94 -9.97 29.68
C GLY D 129 -2.18 -10.65 29.15
N VAL D 130 -2.07 -11.44 28.09
CA VAL D 130 -3.22 -12.18 27.57
C VAL D 130 -3.42 -13.44 28.40
N PRO D 131 -4.60 -13.68 28.95
CA PRO D 131 -4.81 -14.90 29.73
C PRO D 131 -4.91 -16.11 28.82
N VAL D 132 -4.21 -17.18 29.19
CA VAL D 132 -4.23 -18.43 28.44
C VAL D 132 -4.49 -19.58 29.41
N VAL D 133 -4.93 -20.70 28.84
CA VAL D 133 -5.17 -21.91 29.63
C VAL D 133 -3.85 -22.36 30.26
N PRO D 134 -3.83 -22.79 31.53
CA PRO D 134 -2.58 -23.32 32.10
C PRO D 134 -2.04 -24.47 31.26
N TRP D 135 -0.74 -24.44 31.02
CA TRP D 135 -0.12 -25.40 30.13
C TRP D 135 1.34 -25.62 30.52
N VAL D 136 1.90 -26.73 30.05
CA VAL D 136 3.31 -27.06 30.22
C VAL D 136 3.81 -27.69 28.93
N ALA D 137 4.99 -27.25 28.49
CA ALA D 137 5.66 -27.87 27.35
C ALA D 137 6.37 -29.14 27.79
N VAL D 138 6.21 -30.21 27.01
CA VAL D 138 6.89 -31.48 27.24
C VAL D 138 7.66 -31.82 25.98
N ARG D 139 8.97 -32.00 26.13
CA ARG D 139 9.86 -32.31 25.02
C ARG D 139 10.23 -33.79 25.05
N LYS D 140 10.36 -34.37 23.87
CA LYS D 140 10.64 -35.81 23.77
C LYS D 140 11.93 -36.16 24.48
N GLY D 141 11.94 -37.32 25.15
CA GLY D 141 13.10 -37.72 25.91
C GLY D 141 13.28 -36.97 27.21
N GLU D 142 12.20 -36.44 27.78
CA GLU D 142 12.25 -35.69 29.03
C GLU D 142 10.99 -35.99 29.82
N PRO D 143 11.14 -36.40 31.08
CA PRO D 143 9.96 -36.69 31.92
C PRO D 143 9.11 -35.46 32.11
N PRO D 144 7.79 -35.59 31.99
CA PRO D 144 6.90 -34.44 32.13
C PRO D 144 6.68 -34.04 33.57
N VAL D 145 6.51 -32.74 33.76
CA VAL D 145 6.22 -32.15 35.07
C VAL D 145 4.96 -31.31 34.89
N VAL D 146 3.82 -31.84 35.30
CA VAL D 146 2.51 -31.20 35.15
C VAL D 146 2.05 -30.73 36.53
N PRO D 147 2.04 -29.43 36.81
CA PRO D 147 1.70 -28.95 38.15
C PRO D 147 0.21 -28.93 38.47
N PHE D 148 -0.65 -29.36 37.55
CA PHE D 148 -2.09 -29.39 37.77
C PHE D 148 -2.60 -30.81 37.52
N ASP D 149 -3.89 -30.99 37.81
CA ASP D 149 -4.55 -32.28 37.82
C ASP D 149 -5.41 -32.49 36.58
N PRO D 150 -5.75 -33.72 36.26
CA PRO D 150 -6.62 -33.98 35.11
C PRO D 150 -8.01 -33.40 35.35
N PRO D 151 -8.82 -33.26 34.28
CA PRO D 151 -8.52 -33.60 32.88
C PRO D 151 -7.61 -32.58 32.20
N PHE D 152 -6.79 -33.04 31.26
CA PHE D 152 -6.03 -32.11 30.44
C PHE D 152 -5.86 -32.67 29.04
N PHE D 153 -5.69 -31.75 28.09
CA PHE D 153 -5.43 -32.10 26.70
C PHE D 153 -3.93 -32.18 26.45
N VAL D 154 -3.49 -33.25 25.81
CA VAL D 154 -2.10 -33.42 25.40
C VAL D 154 -2.05 -33.32 23.88
N LYS D 155 -1.27 -32.38 23.37
CA LYS D 155 -1.23 -32.09 21.95
C LYS D 155 0.21 -31.98 21.47
N PRO D 156 0.47 -32.31 20.20
CA PRO D 156 1.71 -31.86 19.57
C PRO D 156 1.69 -30.36 19.37
N ALA D 157 2.84 -29.73 19.61
CA ALA D 157 2.88 -28.27 19.69
C ALA D 157 2.70 -27.60 18.32
N ASN D 158 2.96 -28.31 17.22
CA ASN D 158 3.01 -27.68 15.91
C ASN D 158 2.25 -28.45 14.82
N THR D 159 1.57 -29.53 15.17
CA THR D 159 0.91 -30.36 14.15
C THR D 159 -0.40 -29.77 13.66
N SER D 162 -5.72 -31.77 14.53
CA SER D 162 -6.20 -32.45 15.72
C SER D 162 -5.54 -33.81 15.90
N VAL D 163 -4.72 -34.19 14.91
CA VAL D 163 -4.04 -35.49 14.97
C VAL D 163 -3.02 -35.50 16.10
N GLY D 164 -2.97 -36.61 16.82
CA GLY D 164 -2.08 -36.76 17.96
C GLY D 164 -2.61 -36.19 19.25
N ILE D 165 -3.72 -35.46 19.23
CA ILE D 165 -4.30 -34.88 20.43
C ILE D 165 -5.12 -35.94 21.16
N SER D 166 -5.03 -35.93 22.48
CA SER D 166 -5.78 -36.85 23.32
C SER D 166 -6.30 -36.10 24.54
N ARG D 167 -7.56 -36.38 24.91
CA ARG D 167 -8.14 -35.89 26.14
C ARG D 167 -7.79 -36.86 27.26
N VAL D 168 -6.94 -36.43 28.18
CA VAL D 168 -6.41 -37.30 29.23
C VAL D 168 -7.26 -37.11 30.47
N GLU D 169 -8.00 -38.16 30.84
CA GLU D 169 -8.81 -38.14 32.05
C GLU D 169 -8.08 -38.71 33.26
N ARG D 170 -7.06 -39.55 33.03
CA ARG D 170 -6.32 -40.22 34.09
C ARG D 170 -4.85 -39.86 33.98
N PHE D 171 -4.26 -39.44 35.09
CA PHE D 171 -2.84 -39.05 35.10
C PHE D 171 -1.96 -40.18 34.57
N GLN D 172 -2.34 -41.43 34.86
CA GLN D 172 -1.54 -42.56 34.41
C GLN D 172 -1.66 -42.81 32.91
N ASP D 173 -2.57 -42.12 32.21
CA ASP D 173 -2.65 -42.18 30.76
C ASP D 173 -1.87 -41.06 30.09
N LEU D 174 -1.13 -40.26 30.88
CA LEU D 174 -0.36 -39.16 30.31
C LEU D 174 0.81 -39.66 29.47
N GLU D 175 1.50 -40.70 29.95
CA GLU D 175 2.64 -41.24 29.21
C GLU D 175 2.20 -41.76 27.85
N ALA D 176 1.07 -42.46 27.81
CA ALA D 176 0.59 -42.98 26.53
C ALA D 176 0.10 -41.85 25.64
N ALA D 177 -0.30 -40.73 26.23
CA ALA D 177 -0.75 -39.59 25.44
C ALA D 177 0.43 -38.82 24.84
N LEU D 178 1.51 -38.66 25.61
CA LEU D 178 2.71 -38.03 25.07
C LEU D 178 3.33 -38.85 23.95
N ALA D 179 3.30 -40.19 24.09
CA ALA D 179 3.86 -41.06 23.06
C ALA D 179 3.16 -40.86 21.72
N LEU D 180 1.82 -40.85 21.73
CA LEU D 180 1.07 -40.61 20.51
C LEU D 180 1.37 -39.20 19.97
N ALA D 181 1.48 -38.21 20.85
CA ALA D 181 1.77 -36.86 20.40
C ALA D 181 3.18 -36.76 19.85
N PHE D 182 4.14 -37.45 20.46
CA PHE D 182 5.53 -37.36 20.02
C PHE D 182 5.76 -38.02 18.67
N ARG D 183 4.84 -38.88 18.22
CA ARG D 183 4.94 -39.47 16.88
C ARG D 183 4.66 -38.44 15.79
N TYR D 184 4.33 -37.20 16.16
CA TYR D 184 4.09 -36.14 15.19
C TYR D 184 4.89 -34.87 15.43
N ASP D 185 5.49 -34.69 16.62
CA ASP D 185 6.25 -33.49 16.93
C ASP D 185 7.22 -33.82 18.06
N GLU D 186 8.38 -33.16 18.02
CA GLU D 186 9.38 -33.35 19.08
C GLU D 186 8.99 -32.65 20.38
N LYS D 187 7.98 -31.78 20.35
CA LYS D 187 7.53 -31.02 21.52
C LYS D 187 6.02 -31.19 21.67
N ALA D 188 5.57 -31.32 22.91
CA ALA D 188 4.18 -31.49 23.21
C ALA D 188 3.75 -30.48 24.26
N VAL D 189 2.44 -30.23 24.33
CA VAL D 189 1.85 -29.35 25.33
C VAL D 189 0.81 -30.13 26.10
N VAL D 190 0.71 -29.86 27.40
CA VAL D 190 -0.31 -30.43 28.26
C VAL D 190 -1.13 -29.27 28.81
N GLU D 191 -2.34 -29.10 28.27
CA GLU D 191 -3.20 -27.98 28.61
C GLU D 191 -4.31 -28.45 29.54
N LYS D 192 -4.42 -27.78 30.69
CA LYS D 192 -5.50 -28.03 31.64
C LYS D 192 -6.86 -27.96 30.95
N ALA D 193 -7.51 -29.11 30.79
CA ALA D 193 -8.82 -29.12 30.15
C ALA D 193 -9.84 -28.49 31.07
N LEU D 194 -10.42 -27.37 30.64
CA LEU D 194 -11.48 -26.75 31.41
C LEU D 194 -12.81 -27.44 31.10
N SER D 195 -13.69 -27.51 32.10
CA SER D 195 -14.95 -28.21 31.92
C SER D 195 -15.93 -27.80 33.02
N PRO D 196 -17.13 -27.29 32.68
CA PRO D 196 -17.64 -27.05 31.32
C PRO D 196 -17.09 -25.77 30.69
N VAL D 197 -17.20 -25.66 29.37
CA VAL D 197 -16.60 -24.56 28.60
C VAL D 197 -17.52 -24.18 27.46
N ARG D 198 -17.47 -22.91 27.08
CA ARG D 198 -18.02 -22.41 25.83
C ARG D 198 -16.88 -21.97 24.93
N GLU D 199 -16.97 -22.33 23.65
CA GLU D 199 -15.95 -21.96 22.67
C GLU D 199 -16.38 -20.71 21.93
N LEU D 200 -15.60 -19.64 22.05
CA LEU D 200 -15.82 -18.39 21.35
C LEU D 200 -14.75 -18.18 20.31
N GLU D 201 -15.12 -17.56 19.19
CA GLU D 201 -14.19 -17.31 18.10
C GLU D 201 -14.44 -15.92 17.53
N VAL D 202 -13.36 -15.23 17.17
CA VAL D 202 -13.43 -13.87 16.62
C VAL D 202 -12.45 -13.77 15.47
N GLY D 203 -12.94 -13.28 14.33
CA GLY D 203 -12.04 -13.02 13.21
C GLY D 203 -11.42 -11.64 13.30
N VAL D 204 -10.17 -11.55 12.84
CA VAL D 204 -9.45 -10.29 12.74
C VAL D 204 -9.00 -10.13 11.29
N LEU D 205 -9.13 -8.91 10.77
CA LEU D 205 -8.75 -8.59 9.39
C LEU D 205 -7.91 -7.32 9.39
N GLY D 206 -6.74 -7.38 8.76
CA GLY D 206 -5.87 -6.22 8.75
C GLY D 206 -4.42 -6.55 9.02
N ASN D 207 -3.52 -5.62 8.73
CA ASN D 207 -2.09 -5.84 8.94
C ASN D 207 -1.73 -5.29 10.31
N VAL D 208 -1.38 -6.19 11.23
CA VAL D 208 -0.92 -5.87 12.59
C VAL D 208 -2.04 -5.19 13.37
N PHE D 209 -2.42 -3.98 12.98
CA PHE D 209 -3.52 -3.27 13.63
C PHE D 209 -4.81 -3.65 12.89
N GLY D 210 -5.52 -4.65 13.42
CA GLY D 210 -6.66 -5.21 12.73
C GLY D 210 -7.99 -4.73 13.27
N GLU D 211 -9.05 -5.15 12.59
CA GLU D 211 -10.42 -4.88 13.00
C GLU D 211 -11.09 -6.20 13.35
N ALA D 212 -11.71 -6.24 14.53
CA ALA D 212 -12.33 -7.47 15.01
C ALA D 212 -13.72 -7.64 14.40
N SER D 213 -14.07 -8.87 14.10
CA SER D 213 -15.42 -9.22 13.64
C SER D 213 -16.33 -9.43 14.83
N PRO D 214 -17.63 -9.63 14.60
CA PRO D 214 -18.51 -10.08 15.69
C PRO D 214 -18.01 -11.38 16.33
N VAL D 215 -18.40 -11.62 17.57
CA VAL D 215 -17.99 -12.84 18.26
C VAL D 215 -18.96 -13.96 17.89
N GLY D 216 -18.40 -15.12 17.54
CA GLY D 216 -19.21 -16.29 17.29
C GLY D 216 -19.05 -17.31 18.38
N GLU D 217 -19.99 -18.25 18.51
CA GLU D 217 -19.88 -19.33 19.48
C GLU D 217 -20.21 -20.65 18.81
N VAL D 218 -19.39 -21.65 19.06
CA VAL D 218 -19.62 -22.99 18.54
C VAL D 218 -20.50 -23.75 19.52
N ARG D 219 -21.66 -24.17 19.09
CA ARG D 219 -22.58 -24.89 19.96
C ARG D 219 -22.77 -26.34 19.47
N GLU D 237 -23.32 -25.95 15.23
CA GLU D 237 -23.97 -24.72 14.76
C GLU D 237 -23.21 -23.50 15.26
N LEU D 238 -23.04 -22.51 14.36
CA LEU D 238 -22.25 -21.31 14.65
C LEU D 238 -23.20 -20.18 14.97
N LEU D 239 -23.23 -19.76 16.24
CA LEU D 239 -24.14 -18.72 16.71
C LEU D 239 -23.46 -17.37 16.55
N ILE D 240 -23.92 -16.58 15.58
CA ILE D 240 -23.38 -15.27 15.30
C ILE D 240 -24.52 -14.27 15.38
N PRO D 241 -24.51 -13.32 16.33
CA PRO D 241 -23.41 -13.16 17.29
C PRO D 241 -23.55 -14.06 18.52
N ALA D 242 -22.47 -14.22 19.25
CA ALA D 242 -22.48 -15.12 20.40
C ALA D 242 -23.30 -14.50 21.53
N PRO D 243 -24.10 -15.30 22.24
CA PRO D 243 -24.88 -14.76 23.35
C PRO D 243 -24.00 -14.46 24.56
N LEU D 244 -23.26 -13.35 24.51
CA LEU D 244 -22.37 -12.92 25.58
C LEU D 244 -22.89 -11.62 26.18
N ASP D 245 -22.61 -11.42 27.47
CA ASP D 245 -22.89 -10.13 28.09
C ASP D 245 -21.92 -9.08 27.54
N PRO D 246 -22.35 -7.82 27.47
CA PRO D 246 -21.58 -6.83 26.69
C PRO D 246 -20.13 -6.70 27.12
N GLY D 247 -19.82 -6.87 28.40
CA GLY D 247 -18.43 -6.74 28.84
C GLY D 247 -17.55 -7.84 28.30
N THR D 248 -18.03 -9.08 28.38
CA THR D 248 -17.27 -10.21 27.82
C THR D 248 -17.04 -10.03 26.33
N GLN D 249 -18.05 -9.57 25.60
CA GLN D 249 -17.91 -9.36 24.17
C GLN D 249 -16.82 -8.34 23.86
N GLU D 250 -16.76 -7.26 24.64
CA GLU D 250 -15.73 -6.25 24.43
C GLU D 250 -14.35 -6.81 24.74
N THR D 251 -14.23 -7.56 25.85
CA THR D 251 -12.92 -8.08 26.24
C THR D 251 -12.40 -9.08 25.22
N VAL D 252 -13.28 -9.94 24.69
CA VAL D 252 -12.86 -10.93 23.69
C VAL D 252 -12.27 -10.23 22.48
N GLN D 253 -12.93 -9.17 22.00
CA GLN D 253 -12.48 -8.51 20.78
C GLN D 253 -11.13 -7.82 21.01
N GLU D 254 -10.99 -7.10 22.12
CA GLU D 254 -9.75 -6.37 22.36
C GLU D 254 -8.62 -7.27 22.81
N LEU D 255 -8.92 -8.44 23.37
CA LEU D 255 -7.88 -9.45 23.57
C LEU D 255 -7.44 -10.03 22.23
N ALA D 256 -8.38 -10.20 21.30
CA ALA D 256 -8.04 -10.73 19.98
C ALA D 256 -7.14 -9.77 19.22
N LEU D 257 -7.50 -8.48 19.22
CA LEU D 257 -6.70 -7.49 18.49
C LEU D 257 -5.35 -7.25 19.16
N LYS D 258 -5.30 -7.30 20.49
CA LYS D 258 -4.04 -7.10 21.20
C LYS D 258 -3.06 -8.23 20.90
N ALA D 259 -3.52 -9.48 21.04
CA ALA D 259 -2.71 -10.63 20.64
C ALA D 259 -2.33 -10.54 19.18
N TYR D 260 -3.28 -10.15 18.33
CA TYR D 260 -3.01 -9.94 16.91
C TYR D 260 -1.88 -8.94 16.72
N LYS D 261 -1.88 -7.85 17.50
CA LYS D 261 -0.83 -6.85 17.37
C LYS D 261 0.50 -7.35 17.93
N VAL D 262 0.44 -8.03 19.08
CA VAL D 262 1.68 -8.46 19.74
C VAL D 262 2.46 -9.42 18.85
N LEU D 263 1.76 -10.30 18.14
CA LEU D 263 2.42 -11.30 17.31
C LEU D 263 2.71 -10.80 15.90
N GLY D 264 2.35 -9.57 15.59
CA GLY D 264 2.62 -9.01 14.27
C GLY D 264 1.95 -9.74 13.13
N VAL D 265 0.70 -10.17 13.31
CA VAL D 265 0.01 -10.93 12.28
C VAL D 265 -0.43 -9.98 11.17
N ARG D 266 -0.21 -10.39 9.92
CA ARG D 266 -0.68 -9.66 8.76
C ARG D 266 -1.85 -10.39 8.11
N GLY D 267 -2.64 -9.63 7.36
CA GLY D 267 -3.73 -10.22 6.61
C GLY D 267 -4.94 -10.58 7.45
N MET D 268 -4.89 -11.73 8.12
CA MET D 268 -6.08 -12.25 8.80
C MET D 268 -5.66 -13.25 9.86
N ALA D 269 -6.62 -13.57 10.73
CA ALA D 269 -6.48 -14.60 11.75
C ALA D 269 -7.83 -14.81 12.41
N ARG D 270 -8.16 -16.08 12.69
CA ARG D 270 -9.31 -16.43 13.50
C ARG D 270 -8.82 -16.82 14.89
N VAL D 271 -9.21 -16.05 15.89
CA VAL D 271 -8.73 -16.23 17.26
C VAL D 271 -9.80 -16.96 18.06
N ASP D 272 -9.42 -18.12 18.61
CA ASP D 272 -10.34 -18.95 19.38
C ASP D 272 -10.13 -18.72 20.87
N PHE D 273 -11.23 -18.70 21.62
CA PHE D 273 -11.21 -18.50 23.05
C PHE D 273 -11.99 -19.60 23.77
N PHE D 274 -11.73 -19.73 25.06
CA PHE D 274 -12.53 -20.55 25.96
C PHE D 274 -13.14 -19.67 27.03
N LEU D 275 -14.41 -19.89 27.32
CA LEU D 275 -15.12 -19.18 28.38
C LEU D 275 -15.52 -20.20 29.44
N ALA D 276 -14.88 -20.13 30.61
CA ALA D 276 -15.12 -21.10 31.67
C ALA D 276 -15.22 -20.36 33.00
N GLU D 277 -16.36 -20.50 33.68
CA GLU D 277 -16.61 -19.83 34.95
C GLU D 277 -16.42 -18.32 34.83
N GLY D 278 -16.95 -17.74 33.75
CA GLY D 278 -16.82 -16.32 33.53
C GLY D 278 -15.43 -15.82 33.22
N GLU D 279 -14.45 -16.69 33.03
CA GLU D 279 -13.08 -16.30 32.73
C GLU D 279 -12.76 -16.62 31.26
N LEU D 280 -12.08 -15.70 30.60
CA LEU D 280 -11.67 -15.88 29.21
C LEU D 280 -10.27 -16.46 29.12
N TYR D 281 -10.03 -17.23 28.07
CA TYR D 281 -8.72 -17.82 27.84
C TYR D 281 -8.50 -17.89 26.35
N LEU D 282 -7.50 -17.16 25.84
CA LEU D 282 -7.17 -17.29 24.44
C LEU D 282 -6.62 -18.69 24.20
N ASN D 283 -7.25 -19.41 23.28
CA ASN D 283 -6.92 -20.79 22.96
C ASN D 283 -5.94 -20.92 21.79
N GLU D 284 -6.21 -20.25 20.67
CA GLU D 284 -5.44 -20.50 19.46
C GLU D 284 -5.60 -19.33 18.50
N LEU D 285 -4.54 -19.09 17.72
CA LEU D 285 -4.59 -18.18 16.58
C LEU D 285 -4.42 -18.99 15.31
N ASN D 286 -5.39 -18.88 14.41
CA ASN D 286 -5.37 -19.59 13.13
C ASN D 286 -5.16 -18.57 12.02
N THR D 287 -3.96 -18.56 11.44
CA THR D 287 -3.64 -17.59 10.40
C THR D 287 -4.23 -17.97 9.05
N ILE D 288 -4.47 -19.26 8.80
CA ILE D 288 -5.18 -19.70 7.61
C ILE D 288 -6.40 -20.50 8.04
N PRO D 289 -7.52 -19.84 8.35
CA PRO D 289 -8.72 -20.57 8.80
C PRO D 289 -9.44 -21.23 7.62
N GLY D 290 -10.49 -22.02 7.88
CA GLY D 290 -11.31 -22.47 6.78
C GLY D 290 -11.92 -21.30 6.03
N PHE D 291 -12.14 -21.49 4.71
CA PHE D 291 -12.58 -20.36 3.91
C PHE D 291 -13.67 -20.72 2.90
N THR D 292 -14.45 -21.74 3.17
CA THR D 292 -15.68 -21.94 2.42
C THR D 292 -16.67 -20.85 2.78
N PRO D 293 -17.65 -20.57 1.91
CA PRO D 293 -18.66 -19.55 2.23
C PRO D 293 -19.42 -19.82 3.54
N THR D 294 -19.35 -21.03 4.08
CA THR D 294 -19.99 -21.36 5.34
C THR D 294 -19.00 -21.61 6.47
N SER D 295 -17.69 -21.45 6.23
CA SER D 295 -16.72 -21.61 7.29
C SER D 295 -16.84 -20.46 8.29
N MET D 296 -16.29 -20.68 9.49
CA MET D 296 -16.53 -19.76 10.60
C MET D 296 -16.01 -18.36 10.29
N TYR D 297 -14.74 -18.25 9.86
CA TYR D 297 -14.15 -16.94 9.63
C TYR D 297 -14.87 -16.15 8.53
N PRO D 298 -15.19 -16.73 7.36
CA PRO D 298 -16.01 -15.99 6.40
C PRO D 298 -17.37 -15.58 6.94
N ARG D 299 -18.04 -16.47 7.68
CA ARG D 299 -19.34 -16.12 8.26
C ARG D 299 -19.20 -15.02 9.30
N LEU D 300 -18.14 -15.06 10.12
CA LEU D 300 -18.00 -14.07 11.18
C LEU D 300 -17.94 -12.66 10.61
N PHE D 301 -17.35 -12.50 9.44
CA PHE D 301 -17.24 -11.17 8.86
C PHE D 301 -18.41 -10.81 7.96
N GLU D 302 -19.23 -11.78 7.56
CA GLU D 302 -20.52 -11.45 6.96
C GLU D 302 -21.36 -10.63 7.92
N ALA D 303 -21.52 -11.13 9.16
CA ALA D 303 -22.29 -10.42 10.17
C ALA D 303 -21.70 -9.07 10.51
N GLY D 304 -20.44 -8.84 10.16
CA GLY D 304 -19.81 -7.54 10.29
C GLY D 304 -20.01 -6.64 9.09
N GLY D 305 -20.92 -7.00 8.18
CA GLY D 305 -21.12 -6.20 7.00
C GLY D 305 -20.03 -6.32 5.96
N VAL D 306 -19.22 -7.37 6.02
CA VAL D 306 -18.12 -7.58 5.09
C VAL D 306 -18.39 -8.90 4.38
N ALA D 307 -18.95 -8.82 3.18
CA ALA D 307 -19.38 -10.00 2.46
C ALA D 307 -18.19 -10.86 2.05
N TYR D 308 -18.49 -12.11 1.70
CA TYR D 308 -17.44 -13.06 1.32
C TYR D 308 -16.62 -12.59 0.12
N PRO D 309 -17.22 -12.11 -0.99
CA PRO D 309 -16.37 -11.58 -2.07
C PRO D 309 -15.59 -10.34 -1.67
N GLU D 310 -16.18 -9.49 -0.83
CA GLU D 310 -15.46 -8.31 -0.34
C GLU D 310 -14.29 -8.73 0.55
N LEU D 311 -14.53 -9.66 1.49
CA LEU D 311 -13.48 -10.14 2.36
C LEU D 311 -12.30 -10.69 1.57
N LEU D 312 -12.57 -11.40 0.48
CA LEU D 312 -11.49 -11.90 -0.37
C LEU D 312 -10.74 -10.76 -1.03
N ARG D 313 -11.46 -9.70 -1.44
CA ARG D 313 -10.80 -8.57 -2.07
C ARG D 313 -9.91 -7.82 -1.10
N ARG D 314 -10.28 -7.80 0.19
CA ARG D 314 -9.48 -7.08 1.18
C ARG D 314 -8.23 -7.85 1.55
N LEU D 315 -8.28 -9.18 1.52
CA LEU D 315 -7.09 -9.99 1.81
C LEU D 315 -6.03 -9.82 0.73
N VAL D 316 -6.45 -9.80 -0.54
CA VAL D 316 -5.51 -9.52 -1.63
C VAL D 316 -4.98 -8.11 -1.52
N GLU D 317 -5.85 -7.14 -1.20
CA GLU D 317 -5.40 -5.76 -1.06
C GLU D 317 -4.39 -5.62 0.07
N LEU D 318 -4.63 -6.30 1.19
CA LEU D 318 -3.69 -6.24 2.31
C LEU D 318 -2.34 -6.84 1.95
N ALA D 319 -2.33 -7.84 1.07
CA ALA D 319 -1.07 -8.46 0.65
C ALA D 319 -0.24 -7.54 -0.23
N LEU D 320 -0.87 -6.59 -0.92
CA LEU D 320 -0.18 -5.64 -1.79
C LEU D 320 0.20 -4.35 -1.09
N THR D 321 0.20 -4.34 0.24
CA THR D 321 0.48 -3.12 0.98
C THR D 321 1.49 -3.38 2.11
#